data_2MP8
#
_entry.id   2MP8
#
_entity_poly.entity_id   1
_entity_poly.type   'polypeptide(L)'
_entity_poly.pdbx_seq_one_letter_code
;LTANLGISSYAAKKVIDIINTGSAVATIIALVTAVVGGGLITAGIVATAKSLIKKYGAKYAAAW
;
_entity_poly.pdbx_strand_id   A
#
# COMPACT_ATOMS: atom_id res chain seq x y z
N LEU A 1 2.09 0.61 -6.84
CA LEU A 1 2.49 1.45 -5.72
C LEU A 1 3.78 2.17 -6.06
N THR A 2 4.76 1.41 -6.48
CA THR A 2 6.06 1.93 -6.83
C THR A 2 5.95 3.02 -7.89
N ALA A 3 5.14 2.78 -8.90
CA ALA A 3 4.94 3.70 -10.00
C ALA A 3 4.22 4.97 -9.58
N ASN A 4 3.16 4.83 -8.81
CA ASN A 4 2.31 5.97 -8.47
C ASN A 4 2.83 6.74 -7.29
N LEU A 5 3.46 6.06 -6.37
CA LEU A 5 3.97 6.72 -5.18
C LEU A 5 5.39 7.14 -5.39
N GLY A 6 6.10 6.43 -6.27
CA GLY A 6 7.47 6.78 -6.53
C GLY A 6 8.36 6.26 -5.44
N ILE A 7 8.09 5.05 -5.04
CA ILE A 7 8.82 4.44 -3.95
C ILE A 7 9.57 3.23 -4.45
N SER A 8 10.36 2.64 -3.60
CA SER A 8 11.13 1.48 -3.97
C SER A 8 10.24 0.23 -3.94
N SER A 9 10.73 -0.85 -4.50
CA SER A 9 10.01 -2.09 -4.51
C SER A 9 10.01 -2.67 -3.10
N TYR A 10 11.07 -2.37 -2.34
CA TYR A 10 11.20 -2.78 -0.94
C TYR A 10 10.04 -2.19 -0.16
N ALA A 11 9.90 -0.88 -0.26
CA ALA A 11 8.85 -0.16 0.41
C ALA A 11 7.49 -0.62 -0.07
N ALA A 12 7.36 -0.82 -1.38
CA ALA A 12 6.10 -1.27 -1.96
C ALA A 12 5.68 -2.61 -1.40
N LYS A 13 6.61 -3.56 -1.33
CA LYS A 13 6.33 -4.88 -0.79
C LYS A 13 5.94 -4.77 0.67
N LYS A 14 6.59 -3.85 1.36
CA LYS A 14 6.26 -3.58 2.73
C LYS A 14 4.85 -3.02 2.87
N VAL A 15 4.49 -2.09 1.99
CA VAL A 15 3.13 -1.53 1.95
C VAL A 15 2.14 -2.67 1.70
N ILE A 16 2.48 -3.57 0.77
CA ILE A 16 1.67 -4.73 0.44
C ILE A 16 1.34 -5.55 1.67
N ASP A 17 2.34 -5.82 2.47
CA ASP A 17 2.13 -6.60 3.69
C ASP A 17 1.15 -5.89 4.62
N ILE A 18 1.28 -4.61 4.72
CA ILE A 18 0.46 -3.84 5.63
C ILE A 18 -0.99 -3.77 5.13
N ILE A 19 -1.17 -3.38 3.87
CA ILE A 19 -2.53 -3.28 3.29
C ILE A 19 -3.21 -4.66 3.24
N ASN A 20 -2.40 -5.71 3.25
CA ASN A 20 -2.89 -7.07 3.20
C ASN A 20 -3.30 -7.53 4.60
N THR A 21 -2.53 -7.11 5.60
CA THR A 21 -2.76 -7.53 6.97
C THR A 21 -3.82 -6.68 7.67
N GLY A 22 -3.74 -5.39 7.49
CA GLY A 22 -4.66 -4.48 8.11
C GLY A 22 -6.04 -4.57 7.49
N SER A 23 -7.02 -4.29 8.29
CA SER A 23 -8.38 -4.34 7.85
C SER A 23 -8.93 -2.95 7.58
N ALA A 24 -9.15 -2.22 8.66
CA ALA A 24 -9.69 -0.88 8.62
C ALA A 24 -8.75 0.06 7.90
N VAL A 25 -9.31 0.85 7.01
CA VAL A 25 -8.54 1.77 6.18
C VAL A 25 -7.70 2.72 7.02
N ALA A 26 -8.31 3.31 8.03
CA ALA A 26 -7.61 4.24 8.93
C ALA A 26 -6.46 3.57 9.65
N THR A 27 -6.64 2.30 9.95
CA THR A 27 -5.64 1.53 10.64
C THR A 27 -4.45 1.28 9.72
N ILE A 28 -4.74 0.96 8.47
CA ILE A 28 -3.72 0.69 7.49
C ILE A 28 -2.94 1.95 7.19
N ILE A 29 -3.65 3.06 6.96
CA ILE A 29 -3.00 4.36 6.66
C ILE A 29 -1.94 4.69 7.70
N ALA A 30 -2.29 4.52 8.97
CA ALA A 30 -1.41 4.86 10.06
C ALA A 30 -0.17 3.97 10.04
N LEU A 31 -0.37 2.70 9.75
CA LEU A 31 0.72 1.75 9.74
C LEU A 31 1.64 1.98 8.55
N VAL A 32 1.05 2.21 7.38
CA VAL A 32 1.84 2.40 6.17
C VAL A 32 2.66 3.68 6.27
N THR A 33 2.05 4.73 6.78
CA THR A 33 2.70 6.02 6.94
C THR A 33 3.89 5.90 7.90
N ALA A 34 3.74 5.03 8.90
CA ALA A 34 4.79 4.81 9.89
C ALA A 34 5.96 4.05 9.27
N VAL A 35 5.66 3.22 8.31
CA VAL A 35 6.68 2.40 7.68
C VAL A 35 7.40 3.15 6.57
N VAL A 36 6.65 3.84 5.74
CA VAL A 36 7.28 4.50 4.60
C VAL A 36 7.83 5.86 4.98
N GLY A 37 7.29 6.42 6.04
CA GLY A 37 7.76 7.70 6.52
C GLY A 37 7.30 8.81 5.63
N GLY A 38 6.07 8.73 5.27
CA GLY A 38 5.47 9.71 4.42
C GLY A 38 4.00 9.49 4.33
N GLY A 39 3.27 10.53 4.06
CA GLY A 39 1.83 10.46 4.04
C GLY A 39 1.35 10.26 2.64
N LEU A 40 2.16 9.55 1.89
CA LEU A 40 1.90 9.27 0.51
C LEU A 40 0.74 8.27 0.39
N ILE A 41 0.79 7.22 1.18
CA ILE A 41 -0.25 6.27 1.15
C ILE A 41 -1.42 6.78 1.99
N THR A 42 -2.35 7.37 1.31
CA THR A 42 -3.52 7.90 1.93
C THR A 42 -4.66 6.89 1.78
N ALA A 43 -5.86 7.26 2.23
CA ALA A 43 -7.03 6.40 2.16
C ALA A 43 -7.31 5.97 0.74
N GLY A 44 -7.07 6.88 -0.20
CA GLY A 44 -7.28 6.59 -1.58
C GLY A 44 -6.32 5.55 -2.08
N ILE A 45 -5.07 5.64 -1.63
CA ILE A 45 -4.08 4.70 -2.04
C ILE A 45 -4.38 3.33 -1.41
N VAL A 46 -4.70 3.33 -0.12
CA VAL A 46 -5.03 2.10 0.61
C VAL A 46 -6.21 1.36 -0.04
N ALA A 47 -7.30 2.07 -0.27
CA ALA A 47 -8.51 1.49 -0.85
C ALA A 47 -8.23 0.90 -2.23
N THR A 48 -7.51 1.66 -3.04
CA THR A 48 -7.18 1.23 -4.37
C THR A 48 -6.25 0.02 -4.32
N ALA A 49 -5.18 0.12 -3.54
CA ALA A 49 -4.18 -0.93 -3.43
C ALA A 49 -4.78 -2.25 -2.96
N LYS A 50 -5.66 -2.22 -1.96
CA LYS A 50 -6.25 -3.47 -1.49
C LYS A 50 -7.21 -4.05 -2.54
N SER A 51 -7.80 -3.18 -3.34
CA SER A 51 -8.71 -3.63 -4.36
C SER A 51 -7.90 -4.24 -5.52
N LEU A 52 -6.73 -3.66 -5.80
CA LEU A 52 -5.84 -4.16 -6.85
C LEU A 52 -5.28 -5.52 -6.45
N ILE A 53 -4.95 -5.71 -5.18
CA ILE A 53 -4.42 -7.00 -4.73
C ILE A 53 -5.51 -8.06 -4.72
N LYS A 54 -6.75 -7.61 -4.63
CA LYS A 54 -7.88 -8.52 -4.68
C LYS A 54 -8.06 -9.05 -6.11
N LYS A 55 -8.04 -8.16 -7.08
CA LYS A 55 -8.25 -8.56 -8.47
C LYS A 55 -6.98 -9.06 -9.15
N TYR A 56 -5.98 -8.25 -9.14
CA TYR A 56 -4.76 -8.54 -9.86
C TYR A 56 -3.77 -9.25 -8.99
N GLY A 57 -3.64 -8.81 -7.77
CA GLY A 57 -2.75 -9.48 -6.85
C GLY A 57 -1.78 -8.56 -6.19
N ALA A 58 -1.16 -9.07 -5.15
CA ALA A 58 -0.20 -8.36 -4.32
C ALA A 58 0.98 -7.81 -5.15
N LYS A 59 1.50 -8.65 -6.00
CA LYS A 59 2.66 -8.28 -6.82
C LYS A 59 2.29 -7.19 -7.84
N TYR A 60 1.03 -7.15 -8.22
CA TYR A 60 0.57 -6.14 -9.14
C TYR A 60 0.61 -4.80 -8.47
N ALA A 61 0.04 -4.76 -7.28
CA ALA A 61 -0.05 -3.54 -6.55
C ALA A 61 1.30 -3.04 -6.15
N ALA A 62 2.24 -3.97 -5.92
CA ALA A 62 3.61 -3.60 -5.62
C ALA A 62 4.18 -2.73 -6.74
N ALA A 63 3.96 -3.16 -7.98
CA ALA A 63 4.43 -2.39 -9.13
C ALA A 63 3.65 -1.08 -9.26
N TRP A 64 2.35 -1.16 -9.04
CA TRP A 64 1.47 0.01 -9.11
C TRP A 64 1.87 1.06 -8.06
N LEU A 1 2.20 0.47 -6.89
CA LEU A 1 2.62 1.33 -5.79
C LEU A 1 3.89 2.05 -6.11
N THR A 2 4.92 1.31 -6.44
CA THR A 2 6.21 1.87 -6.78
C THR A 2 6.10 2.86 -7.93
N ALA A 3 5.36 2.49 -8.95
CA ALA A 3 5.18 3.29 -10.15
C ALA A 3 4.50 4.63 -9.87
N ASN A 4 3.44 4.60 -9.11
CA ASN A 4 2.63 5.80 -8.89
C ASN A 4 3.12 6.64 -7.74
N LEU A 5 3.62 5.99 -6.72
CA LEU A 5 4.10 6.71 -5.54
C LEU A 5 5.53 7.14 -5.74
N GLY A 6 6.26 6.42 -6.58
CA GLY A 6 7.63 6.78 -6.84
C GLY A 6 8.51 6.34 -5.71
N ILE A 7 8.21 5.17 -5.22
CA ILE A 7 8.88 4.63 -4.05
C ILE A 7 9.73 3.47 -4.43
N SER A 8 10.46 2.95 -3.48
CA SER A 8 11.31 1.83 -3.72
C SER A 8 10.50 0.54 -3.80
N SER A 9 11.12 -0.52 -4.25
CA SER A 9 10.48 -1.81 -4.30
C SER A 9 10.29 -2.32 -2.86
N TYR A 10 11.23 -1.95 -1.99
CA TYR A 10 11.20 -2.31 -0.58
C TYR A 10 9.97 -1.73 0.07
N ALA A 11 9.79 -0.42 -0.09
CA ALA A 11 8.66 0.30 0.49
C ALA A 11 7.35 -0.30 0.02
N ALA A 12 7.24 -0.55 -1.26
CA ALA A 12 6.03 -1.11 -1.84
C ALA A 12 5.73 -2.48 -1.26
N LYS A 13 6.78 -3.29 -1.12
CA LYS A 13 6.66 -4.64 -0.56
C LYS A 13 6.11 -4.56 0.86
N LYS A 14 6.61 -3.60 1.59
CA LYS A 14 6.18 -3.33 2.93
C LYS A 14 4.73 -2.88 2.95
N VAL A 15 4.38 -1.93 2.08
CA VAL A 15 3.00 -1.44 1.95
C VAL A 15 2.07 -2.61 1.70
N ILE A 16 2.46 -3.49 0.77
CA ILE A 16 1.68 -4.67 0.41
C ILE A 16 1.40 -5.52 1.62
N ASP A 17 2.42 -5.74 2.40
CA ASP A 17 2.30 -6.54 3.60
C ASP A 17 1.36 -5.89 4.61
N ILE A 18 1.44 -4.58 4.72
CA ILE A 18 0.61 -3.85 5.68
C ILE A 18 -0.86 -3.83 5.23
N ILE A 19 -1.09 -3.48 3.98
CA ILE A 19 -2.46 -3.45 3.45
C ILE A 19 -3.08 -4.86 3.45
N ASN A 20 -2.22 -5.86 3.37
CA ASN A 20 -2.63 -7.26 3.34
C ASN A 20 -3.00 -7.71 4.77
N THR A 21 -2.25 -7.23 5.75
CA THR A 21 -2.46 -7.59 7.13
C THR A 21 -3.61 -6.78 7.76
N GLY A 22 -3.51 -5.47 7.62
CA GLY A 22 -4.46 -4.56 8.18
C GLY A 22 -5.85 -4.71 7.63
N SER A 23 -6.83 -4.45 8.45
CA SER A 23 -8.20 -4.58 8.09
C SER A 23 -8.84 -3.23 7.82
N ALA A 24 -9.05 -2.47 8.87
CA ALA A 24 -9.65 -1.15 8.78
C ALA A 24 -8.72 -0.19 8.05
N VAL A 25 -9.26 0.57 7.13
CA VAL A 25 -8.48 1.50 6.31
C VAL A 25 -7.71 2.49 7.18
N ALA A 26 -8.39 3.05 8.18
CA ALA A 26 -7.78 4.01 9.12
C ALA A 26 -6.57 3.40 9.81
N THR A 27 -6.68 2.12 10.10
CA THR A 27 -5.64 1.40 10.76
C THR A 27 -4.46 1.20 9.81
N ILE A 28 -4.78 0.84 8.58
CA ILE A 28 -3.78 0.61 7.56
C ILE A 28 -3.01 1.88 7.26
N ILE A 29 -3.74 2.99 7.05
CA ILE A 29 -3.11 4.29 6.74
C ILE A 29 -2.06 4.63 7.78
N ALA A 30 -2.42 4.47 9.04
CA ALA A 30 -1.53 4.80 10.14
C ALA A 30 -0.29 3.90 10.11
N LEU A 31 -0.51 2.63 9.83
CA LEU A 31 0.58 1.66 9.81
C LEU A 31 1.52 1.90 8.63
N VAL A 32 0.96 2.15 7.47
CA VAL A 32 1.77 2.35 6.27
C VAL A 32 2.59 3.63 6.42
N THR A 33 1.99 4.66 6.98
CA THR A 33 2.66 5.93 7.16
C THR A 33 3.78 5.81 8.21
N ALA A 34 3.61 4.91 9.15
CA ALA A 34 4.62 4.70 10.17
C ALA A 34 5.82 3.96 9.60
N VAL A 35 5.57 3.13 8.61
CA VAL A 35 6.61 2.34 8.01
C VAL A 35 7.29 3.07 6.86
N VAL A 36 6.53 3.56 5.92
CA VAL A 36 7.15 4.19 4.75
C VAL A 36 7.39 5.66 4.97
N GLY A 37 6.56 6.28 5.79
CA GLY A 37 6.65 7.70 5.98
C GLY A 37 6.20 8.48 4.75
N GLY A 38 6.07 9.76 4.88
CA GLY A 38 5.77 10.60 3.74
C GLY A 38 4.30 10.70 3.44
N GLY A 39 3.52 9.92 4.15
CA GLY A 39 2.06 9.95 4.03
C GLY A 39 1.59 9.69 2.61
N LEU A 40 2.46 9.12 1.83
CA LEU A 40 2.20 8.76 0.44
C LEU A 40 0.97 7.88 0.30
N ILE A 41 0.94 6.79 1.03
CA ILE A 41 -0.18 5.91 0.97
C ILE A 41 -1.27 6.43 1.88
N THR A 42 -2.16 7.17 1.30
CA THR A 42 -3.28 7.74 2.00
C THR A 42 -4.51 6.86 1.83
N ALA A 43 -5.65 7.30 2.36
CA ALA A 43 -6.92 6.58 2.28
C ALA A 43 -7.27 6.21 0.84
N GLY A 44 -6.94 7.10 -0.08
CA GLY A 44 -7.17 6.86 -1.48
C GLY A 44 -6.30 5.74 -2.00
N ILE A 45 -5.02 5.78 -1.64
CA ILE A 45 -4.07 4.81 -2.12
C ILE A 45 -4.36 3.44 -1.50
N VAL A 46 -4.67 3.43 -0.20
CA VAL A 46 -5.03 2.20 0.51
C VAL A 46 -6.21 1.52 -0.19
N ALA A 47 -7.29 2.29 -0.40
CA ALA A 47 -8.51 1.77 -1.01
C ALA A 47 -8.24 1.17 -2.38
N THR A 48 -7.45 1.88 -3.17
CA THR A 48 -7.09 1.44 -4.49
C THR A 48 -6.21 0.17 -4.42
N ALA A 49 -5.18 0.22 -3.60
CA ALA A 49 -4.24 -0.90 -3.43
C ALA A 49 -4.97 -2.17 -3.01
N LYS A 50 -5.88 -2.02 -2.04
CA LYS A 50 -6.70 -3.14 -1.56
C LYS A 50 -7.53 -3.72 -2.69
N SER A 51 -8.01 -2.86 -3.55
CA SER A 51 -8.80 -3.26 -4.66
C SER A 51 -7.94 -4.02 -5.66
N LEU A 52 -6.78 -3.46 -5.97
CA LEU A 52 -5.88 -4.04 -6.94
C LEU A 52 -5.38 -5.40 -6.48
N ILE A 53 -5.11 -5.54 -5.19
CA ILE A 53 -4.63 -6.82 -4.67
C ILE A 53 -5.71 -7.88 -4.69
N LYS A 54 -6.97 -7.47 -4.60
CA LYS A 54 -8.04 -8.46 -4.61
C LYS A 54 -8.33 -8.98 -6.01
N LYS A 55 -8.16 -8.14 -7.01
CA LYS A 55 -8.43 -8.52 -8.40
C LYS A 55 -7.20 -8.99 -9.13
N TYR A 56 -6.19 -8.18 -9.11
CA TYR A 56 -4.99 -8.46 -9.84
C TYR A 56 -3.98 -9.18 -8.97
N GLY A 57 -3.83 -8.74 -7.75
CA GLY A 57 -2.97 -9.42 -6.83
C GLY A 57 -1.95 -8.51 -6.18
N ALA A 58 -1.30 -9.04 -5.17
CA ALA A 58 -0.30 -8.35 -4.37
C ALA A 58 0.92 -7.98 -5.22
N LYS A 59 1.16 -8.76 -6.24
CA LYS A 59 2.26 -8.53 -7.17
C LYS A 59 2.00 -7.32 -8.05
N TYR A 60 0.77 -7.20 -8.51
CA TYR A 60 0.37 -6.13 -9.39
C TYR A 60 0.46 -4.81 -8.66
N ALA A 61 -0.07 -4.80 -7.46
CA ALA A 61 -0.10 -3.62 -6.66
C ALA A 61 1.27 -3.20 -6.25
N ALA A 62 2.18 -4.16 -6.06
CA ALA A 62 3.56 -3.85 -5.72
C ALA A 62 4.17 -3.00 -6.81
N ALA A 63 3.94 -3.40 -8.05
CA ALA A 63 4.42 -2.67 -9.20
C ALA A 63 3.72 -1.32 -9.29
N TRP A 64 2.41 -1.34 -9.10
CA TRP A 64 1.57 -0.14 -9.16
C TRP A 64 2.01 0.91 -8.13
N LEU A 1 2.38 0.63 -6.84
CA LEU A 1 2.77 1.49 -5.73
C LEU A 1 4.09 2.15 -6.04
N THR A 2 5.06 1.33 -6.39
CA THR A 2 6.39 1.79 -6.72
C THR A 2 6.36 2.85 -7.80
N ALA A 3 5.62 2.58 -8.85
CA ALA A 3 5.51 3.44 -10.01
C ALA A 3 4.85 4.79 -9.69
N ASN A 4 3.76 4.76 -8.97
CA ASN A 4 2.96 5.97 -8.72
C ASN A 4 3.46 6.76 -7.55
N LEU A 5 3.98 6.09 -6.56
CA LEU A 5 4.44 6.77 -5.38
C LEU A 5 5.91 7.13 -5.54
N GLY A 6 6.63 6.35 -6.33
CA GLY A 6 8.03 6.66 -6.57
C GLY A 6 8.87 6.12 -5.46
N ILE A 7 8.47 4.98 -4.97
CA ILE A 7 9.12 4.36 -3.84
C ILE A 7 9.81 3.11 -4.28
N SER A 8 10.49 2.45 -3.39
CA SER A 8 11.12 1.22 -3.71
C SER A 8 10.09 0.11 -3.67
N SER A 9 10.34 -0.98 -4.36
CA SER A 9 9.45 -2.11 -4.30
C SER A 9 9.61 -2.81 -2.96
N TYR A 10 10.70 -2.49 -2.25
CA TYR A 10 10.89 -2.95 -0.90
C TYR A 10 9.80 -2.31 -0.05
N ALA A 11 9.70 -0.98 -0.16
CA ALA A 11 8.67 -0.23 0.55
C ALA A 11 7.31 -0.67 0.12
N ALA A 12 7.15 -0.90 -1.18
CA ALA A 12 5.89 -1.37 -1.73
C ALA A 12 5.48 -2.69 -1.08
N LYS A 13 6.43 -3.62 -0.96
CA LYS A 13 6.23 -4.92 -0.33
C LYS A 13 5.73 -4.73 1.10
N LYS A 14 6.34 -3.78 1.76
CA LYS A 14 6.01 -3.43 3.12
C LYS A 14 4.58 -2.90 3.19
N VAL A 15 4.26 -1.98 2.29
CA VAL A 15 2.89 -1.45 2.14
C VAL A 15 1.91 -2.60 1.93
N ILE A 16 2.28 -3.51 1.02
CA ILE A 16 1.47 -4.66 0.65
C ILE A 16 1.07 -5.47 1.86
N ASP A 17 2.02 -5.82 2.71
CA ASP A 17 1.73 -6.66 3.89
C ASP A 17 0.77 -5.94 4.85
N ILE A 18 0.97 -4.64 4.99
CA ILE A 18 0.15 -3.83 5.86
C ILE A 18 -1.29 -3.76 5.32
N ILE A 19 -1.43 -3.32 4.07
CA ILE A 19 -2.77 -3.22 3.44
C ILE A 19 -3.43 -4.61 3.31
N ASN A 20 -2.59 -5.65 3.23
CA ASN A 20 -3.05 -7.01 3.03
C ASN A 20 -3.81 -7.52 4.23
N THR A 21 -3.40 -7.11 5.44
CA THR A 21 -4.14 -7.49 6.64
C THR A 21 -5.60 -7.04 6.53
N GLY A 22 -5.78 -5.78 6.11
CA GLY A 22 -7.09 -5.23 5.83
C GLY A 22 -7.99 -5.24 7.03
N SER A 23 -7.47 -4.91 8.19
CA SER A 23 -8.27 -4.93 9.36
C SER A 23 -8.88 -3.55 9.64
N ALA A 24 -8.17 -2.72 10.36
CA ALA A 24 -8.63 -1.37 10.65
C ALA A 24 -8.08 -0.40 9.62
N VAL A 25 -8.96 0.27 8.89
CA VAL A 25 -8.55 1.21 7.81
C VAL A 25 -7.59 2.28 8.33
N ALA A 26 -7.99 2.92 9.43
CA ALA A 26 -7.19 3.98 10.05
C ALA A 26 -5.84 3.47 10.51
N THR A 27 -5.79 2.20 10.88
CA THR A 27 -4.59 1.59 11.35
C THR A 27 -3.64 1.31 10.19
N ILE A 28 -4.19 0.84 9.08
CA ILE A 28 -3.42 0.55 7.89
C ILE A 28 -2.73 1.81 7.41
N ILE A 29 -3.52 2.85 7.21
CA ILE A 29 -3.01 4.15 6.78
C ILE A 29 -1.88 4.62 7.73
N ALA A 30 -2.10 4.43 9.03
CA ALA A 30 -1.16 4.86 10.04
C ALA A 30 0.13 4.06 9.96
N LEU A 31 0.02 2.78 9.71
CA LEU A 31 1.16 1.92 9.65
C LEU A 31 1.96 2.13 8.37
N VAL A 32 1.26 2.31 7.26
CA VAL A 32 1.94 2.49 5.99
C VAL A 32 2.69 3.83 6.00
N THR A 33 2.05 4.87 6.54
CA THR A 33 2.66 6.18 6.66
C THR A 33 3.88 6.13 7.61
N ALA A 34 3.83 5.23 8.58
CA ALA A 34 4.92 5.07 9.53
C ALA A 34 6.11 4.36 8.89
N VAL A 35 5.85 3.57 7.87
CA VAL A 35 6.91 2.84 7.21
C VAL A 35 7.53 3.66 6.10
N VAL A 36 6.72 4.17 5.22
CA VAL A 36 7.28 4.84 4.07
C VAL A 36 7.52 6.32 4.32
N GLY A 37 6.72 6.91 5.17
CA GLY A 37 6.79 8.35 5.38
C GLY A 37 6.25 9.12 4.18
N GLY A 38 5.90 10.35 4.39
CA GLY A 38 5.48 11.19 3.29
C GLY A 38 4.00 11.23 3.11
N GLY A 39 3.31 10.42 3.90
CA GLY A 39 1.83 10.38 3.90
C GLY A 39 1.24 10.02 2.55
N LEU A 40 2.08 9.51 1.68
CA LEU A 40 1.74 9.08 0.33
C LEU A 40 0.52 8.14 0.30
N ILE A 41 0.61 7.06 1.04
CA ILE A 41 -0.46 6.10 1.05
C ILE A 41 -1.55 6.55 1.99
N THR A 42 -2.53 7.17 1.41
CA THR A 42 -3.69 7.65 2.10
C THR A 42 -4.81 6.63 1.96
N ALA A 43 -5.98 6.91 2.54
CA ALA A 43 -7.15 6.05 2.46
C ALA A 43 -7.49 5.69 1.01
N GLY A 44 -7.29 6.65 0.13
CA GLY A 44 -7.56 6.44 -1.28
C GLY A 44 -6.58 5.49 -1.91
N ILE A 45 -5.32 5.57 -1.49
CA ILE A 45 -4.31 4.69 -2.01
C ILE A 45 -4.52 3.29 -1.43
N VAL A 46 -4.84 3.24 -0.13
CA VAL A 46 -5.14 1.98 0.55
C VAL A 46 -6.31 1.27 -0.17
N ALA A 47 -7.37 2.04 -0.44
CA ALA A 47 -8.56 1.53 -1.14
C ALA A 47 -8.19 1.00 -2.51
N THR A 48 -7.44 1.77 -3.26
CA THR A 48 -7.04 1.39 -4.59
C THR A 48 -6.16 0.14 -4.56
N ALA A 49 -5.15 0.15 -3.70
CA ALA A 49 -4.21 -0.94 -3.59
C ALA A 49 -4.91 -2.24 -3.18
N LYS A 50 -5.86 -2.16 -2.25
CA LYS A 50 -6.64 -3.33 -1.84
C LYS A 50 -7.41 -3.91 -3.01
N SER A 51 -7.89 -3.04 -3.87
CA SER A 51 -8.64 -3.44 -5.00
C SER A 51 -7.74 -4.08 -6.04
N LEU A 52 -6.56 -3.52 -6.24
CA LEU A 52 -5.60 -4.04 -7.18
C LEU A 52 -5.10 -5.41 -6.74
N ILE A 53 -4.83 -5.57 -5.44
CA ILE A 53 -4.37 -6.87 -4.92
C ILE A 53 -5.50 -7.89 -4.94
N LYS A 54 -6.73 -7.40 -4.95
CA LYS A 54 -7.91 -8.23 -4.98
C LYS A 54 -8.06 -8.85 -6.36
N LYS A 55 -7.96 -8.03 -7.40
CA LYS A 55 -8.11 -8.52 -8.77
C LYS A 55 -6.81 -9.00 -9.39
N TYR A 56 -5.83 -8.16 -9.40
CA TYR A 56 -4.57 -8.44 -10.07
C TYR A 56 -3.59 -9.16 -9.16
N GLY A 57 -3.50 -8.71 -7.93
CA GLY A 57 -2.64 -9.38 -6.98
C GLY A 57 -1.66 -8.47 -6.30
N ALA A 58 -0.99 -9.00 -5.29
CA ALA A 58 -0.02 -8.29 -4.48
C ALA A 58 1.15 -7.77 -5.30
N LYS A 59 1.66 -8.60 -6.18
CA LYS A 59 2.81 -8.25 -7.00
C LYS A 59 2.46 -7.13 -7.99
N TYR A 60 1.20 -7.06 -8.39
CA TYR A 60 0.76 -6.04 -9.29
C TYR A 60 0.81 -4.71 -8.58
N ALA A 61 0.23 -4.68 -7.40
CA ALA A 61 0.16 -3.48 -6.62
C ALA A 61 1.53 -3.03 -6.19
N ALA A 62 2.41 -3.98 -5.91
CA ALA A 62 3.80 -3.67 -5.56
C ALA A 62 4.44 -2.83 -6.67
N ALA A 63 4.19 -3.21 -7.90
CA ALA A 63 4.70 -2.48 -9.05
C ALA A 63 3.99 -1.12 -9.17
N TRP A 64 2.67 -1.14 -9.03
CA TRP A 64 1.83 0.05 -9.13
C TRP A 64 2.23 1.09 -8.07
N LEU A 1 2.21 0.51 -6.83
CA LEU A 1 2.59 1.38 -5.71
C LEU A 1 3.88 2.10 -6.01
N THR A 2 4.89 1.33 -6.37
CA THR A 2 6.20 1.87 -6.71
C THR A 2 6.10 2.91 -7.82
N ALA A 3 5.37 2.55 -8.87
CA ALA A 3 5.23 3.38 -10.06
C ALA A 3 4.52 4.69 -9.78
N ASN A 4 3.51 4.64 -8.96
CA ASN A 4 2.70 5.82 -8.71
C ASN A 4 3.20 6.65 -7.56
N LEU A 5 3.69 6.02 -6.53
CA LEU A 5 4.15 6.74 -5.36
C LEU A 5 5.59 7.18 -5.55
N GLY A 6 6.34 6.45 -6.37
CA GLY A 6 7.71 6.81 -6.63
C GLY A 6 8.57 6.32 -5.53
N ILE A 7 8.26 5.14 -5.05
CA ILE A 7 8.96 4.58 -3.92
C ILE A 7 9.76 3.38 -4.34
N SER A 8 10.47 2.82 -3.41
CA SER A 8 11.26 1.66 -3.67
C SER A 8 10.36 0.42 -3.80
N SER A 9 10.90 -0.63 -4.37
CA SER A 9 10.17 -1.86 -4.50
C SER A 9 10.09 -2.51 -3.11
N TYR A 10 11.10 -2.21 -2.29
CA TYR A 10 11.17 -2.67 -0.92
C TYR A 10 9.99 -2.10 -0.12
N ALA A 11 9.87 -0.77 -0.13
CA ALA A 11 8.82 -0.09 0.60
C ALA A 11 7.45 -0.50 0.10
N ALA A 12 7.32 -0.67 -1.22
CA ALA A 12 6.06 -1.08 -1.82
C ALA A 12 5.64 -2.46 -1.31
N LYS A 13 6.61 -3.37 -1.23
CA LYS A 13 6.37 -4.72 -0.77
C LYS A 13 5.95 -4.67 0.70
N LYS A 14 6.57 -3.77 1.44
CA LYS A 14 6.23 -3.56 2.83
C LYS A 14 4.82 -3.03 2.99
N VAL A 15 4.45 -2.08 2.12
CA VAL A 15 3.08 -1.56 2.08
C VAL A 15 2.10 -2.71 1.84
N ILE A 16 2.48 -3.60 0.91
CA ILE A 16 1.70 -4.79 0.56
C ILE A 16 1.37 -5.62 1.79
N ASP A 17 2.38 -5.93 2.58
CA ASP A 17 2.18 -6.73 3.79
C ASP A 17 1.21 -6.04 4.74
N ILE A 18 1.30 -4.75 4.82
CA ILE A 18 0.45 -4.00 5.73
C ILE A 18 -0.99 -3.93 5.21
N ILE A 19 -1.16 -3.53 3.96
CA ILE A 19 -2.50 -3.42 3.36
C ILE A 19 -3.19 -4.78 3.27
N ASN A 20 -2.42 -5.84 3.16
CA ASN A 20 -3.00 -7.17 3.05
C ASN A 20 -3.43 -7.64 4.44
N THR A 21 -2.63 -7.32 5.45
CA THR A 21 -2.94 -7.74 6.79
C THR A 21 -4.05 -6.89 7.41
N GLY A 22 -3.86 -5.59 7.38
CA GLY A 22 -4.74 -4.66 8.04
C GLY A 22 -6.14 -4.65 7.48
N SER A 23 -7.08 -4.35 8.34
CA SER A 23 -8.47 -4.33 8.03
C SER A 23 -8.98 -2.91 7.82
N ALA A 24 -9.08 -2.19 8.92
CA ALA A 24 -9.56 -0.83 8.90
C ALA A 24 -8.59 0.08 8.20
N VAL A 25 -9.11 0.88 7.29
CA VAL A 25 -8.32 1.78 6.47
C VAL A 25 -7.47 2.70 7.32
N ALA A 26 -8.09 3.32 8.32
CA ALA A 26 -7.39 4.25 9.20
C ALA A 26 -6.28 3.54 9.99
N THR A 27 -6.47 2.27 10.26
CA THR A 27 -5.49 1.48 10.97
C THR A 27 -4.30 1.21 10.05
N ILE A 28 -4.61 0.89 8.81
CA ILE A 28 -3.62 0.64 7.79
C ILE A 28 -2.82 1.92 7.55
N ILE A 29 -3.52 3.02 7.37
CA ILE A 29 -2.92 4.36 7.17
C ILE A 29 -1.81 4.63 8.18
N ALA A 30 -2.10 4.41 9.44
CA ALA A 30 -1.15 4.67 10.50
C ALA A 30 0.07 3.78 10.37
N LEU A 31 -0.17 2.54 10.01
CA LEU A 31 0.90 1.58 9.89
C LEU A 31 1.77 1.87 8.66
N VAL A 32 1.13 2.11 7.52
CA VAL A 32 1.87 2.33 6.28
C VAL A 32 2.69 3.62 6.38
N THR A 33 2.10 4.65 6.96
CA THR A 33 2.78 5.92 7.07
C THR A 33 3.96 5.83 8.07
N ALA A 34 3.86 4.92 9.03
CA ALA A 34 4.93 4.73 9.99
C ALA A 34 6.11 4.04 9.30
N VAL A 35 5.80 3.22 8.33
CA VAL A 35 6.79 2.43 7.63
C VAL A 35 7.43 3.16 6.47
N VAL A 36 6.64 3.84 5.68
CA VAL A 36 7.20 4.51 4.49
C VAL A 36 7.41 6.00 4.71
N GLY A 37 6.60 6.59 5.58
CA GLY A 37 6.64 8.02 5.81
C GLY A 37 6.12 8.81 4.60
N GLY A 38 6.01 10.11 4.76
CA GLY A 38 5.65 10.97 3.65
C GLY A 38 4.17 11.04 3.38
N GLY A 39 3.41 10.27 4.11
CA GLY A 39 1.93 10.28 4.02
C GLY A 39 1.40 9.93 2.63
N LEU A 40 2.30 9.39 1.80
CA LEU A 40 2.01 9.01 0.42
C LEU A 40 0.81 8.08 0.30
N ILE A 41 0.82 7.01 1.04
CA ILE A 41 -0.29 6.11 1.02
C ILE A 41 -1.42 6.70 1.83
N THR A 42 -2.36 7.24 1.12
CA THR A 42 -3.54 7.81 1.71
C THR A 42 -4.65 6.79 1.70
N ALA A 43 -5.80 7.15 2.29
CA ALA A 43 -6.97 6.26 2.32
C ALA A 43 -7.37 5.88 0.91
N GLY A 44 -7.18 6.82 -0.01
CA GLY A 44 -7.41 6.60 -1.40
C GLY A 44 -6.49 5.54 -1.95
N ILE A 45 -5.23 5.60 -1.58
CA ILE A 45 -4.25 4.63 -2.05
C ILE A 45 -4.54 3.26 -1.43
N VAL A 46 -4.84 3.23 -0.14
CA VAL A 46 -5.16 1.99 0.57
C VAL A 46 -6.33 1.26 -0.10
N ALA A 47 -7.42 1.99 -0.34
CA ALA A 47 -8.62 1.40 -0.95
C ALA A 47 -8.35 0.95 -2.39
N THR A 48 -7.53 1.71 -3.10
CA THR A 48 -7.18 1.37 -4.46
C THR A 48 -6.33 0.10 -4.47
N ALA A 49 -5.33 0.06 -3.61
CA ALA A 49 -4.45 -1.08 -3.50
C ALA A 49 -5.23 -2.32 -3.08
N LYS A 50 -6.20 -2.14 -2.16
CA LYS A 50 -7.12 -3.22 -1.75
C LYS A 50 -7.82 -3.84 -2.96
N SER A 51 -8.23 -2.99 -3.87
CA SER A 51 -8.92 -3.42 -5.05
C SER A 51 -7.97 -4.12 -6.03
N LEU A 52 -6.79 -3.55 -6.20
CA LEU A 52 -5.82 -4.10 -7.13
C LEU A 52 -5.32 -5.46 -6.65
N ILE A 53 -5.13 -5.61 -5.34
CA ILE A 53 -4.68 -6.90 -4.79
C ILE A 53 -5.79 -7.94 -4.85
N LYS A 54 -7.04 -7.48 -4.80
CA LYS A 54 -8.17 -8.38 -4.82
C LYS A 54 -8.40 -8.95 -6.23
N LYS A 55 -8.08 -8.19 -7.25
CA LYS A 55 -8.25 -8.67 -8.62
C LYS A 55 -6.96 -9.14 -9.26
N TYR A 56 -5.97 -8.28 -9.27
CA TYR A 56 -4.72 -8.56 -9.95
C TYR A 56 -3.74 -9.25 -9.01
N GLY A 57 -3.66 -8.77 -7.80
CA GLY A 57 -2.78 -9.38 -6.83
C GLY A 57 -1.84 -8.40 -6.19
N ALA A 58 -1.17 -8.87 -5.16
CA ALA A 58 -0.26 -8.09 -4.36
C ALA A 58 0.97 -7.70 -5.16
N LYS A 59 1.43 -8.59 -6.00
CA LYS A 59 2.62 -8.37 -6.82
C LYS A 59 2.36 -7.24 -7.81
N TYR A 60 1.13 -7.19 -8.30
CA TYR A 60 0.71 -6.17 -9.23
C TYR A 60 0.69 -4.84 -8.52
N ALA A 61 0.08 -4.83 -7.36
CA ALA A 61 -0.08 -3.63 -6.60
C ALA A 61 1.26 -3.09 -6.16
N ALA A 62 2.19 -3.96 -5.84
CA ALA A 62 3.53 -3.53 -5.45
C ALA A 62 4.17 -2.74 -6.58
N ALA A 63 4.04 -3.24 -7.80
CA ALA A 63 4.58 -2.57 -8.97
C ALA A 63 3.86 -1.24 -9.18
N TRP A 64 2.55 -1.27 -9.00
CA TRP A 64 1.70 -0.10 -9.13
C TRP A 64 2.07 0.96 -8.09
N LEU A 1 2.22 0.48 -6.95
CA LEU A 1 2.62 1.33 -5.83
C LEU A 1 3.91 2.02 -6.13
N THR A 2 4.93 1.24 -6.43
CA THR A 2 6.25 1.75 -6.74
C THR A 2 6.21 2.76 -7.87
N ALA A 3 5.50 2.42 -8.92
CA ALA A 3 5.37 3.24 -10.12
C ALA A 3 4.73 4.60 -9.82
N ASN A 4 3.62 4.58 -9.14
CA ASN A 4 2.83 5.79 -8.92
C ASN A 4 3.33 6.60 -7.75
N LEU A 5 3.71 5.94 -6.69
CA LEU A 5 4.16 6.64 -5.50
C LEU A 5 5.59 7.06 -5.66
N GLY A 6 6.35 6.32 -6.48
CA GLY A 6 7.74 6.68 -6.69
C GLY A 6 8.56 6.23 -5.53
N ILE A 7 8.26 5.05 -5.08
CA ILE A 7 8.91 4.49 -3.91
C ILE A 7 9.73 3.30 -4.32
N SER A 8 10.41 2.70 -3.39
CA SER A 8 11.21 1.55 -3.66
C SER A 8 10.30 0.32 -3.75
N SER A 9 10.85 -0.76 -4.23
CA SER A 9 10.13 -2.01 -4.27
C SER A 9 10.08 -2.60 -2.86
N TYR A 10 11.05 -2.21 -2.04
CA TYR A 10 11.11 -2.62 -0.66
C TYR A 10 9.92 -2.02 0.07
N ALA A 11 9.74 -0.70 -0.10
CA ALA A 11 8.64 0.02 0.51
C ALA A 11 7.32 -0.52 0.04
N ALA A 12 7.21 -0.78 -1.25
CA ALA A 12 5.98 -1.33 -1.83
C ALA A 12 5.65 -2.67 -1.21
N LYS A 13 6.68 -3.48 -0.99
CA LYS A 13 6.51 -4.81 -0.39
C LYS A 13 5.93 -4.65 1.01
N LYS A 14 6.44 -3.66 1.73
CA LYS A 14 5.98 -3.34 3.07
C LYS A 14 4.54 -2.87 3.03
N VAL A 15 4.25 -1.94 2.11
CA VAL A 15 2.89 -1.41 1.94
C VAL A 15 1.91 -2.56 1.73
N ILE A 16 2.27 -3.49 0.85
CA ILE A 16 1.43 -4.63 0.52
C ILE A 16 1.12 -5.42 1.77
N ASP A 17 2.13 -5.72 2.55
CA ASP A 17 1.99 -6.52 3.78
C ASP A 17 0.97 -5.88 4.74
N ILE A 18 1.11 -4.59 4.93
CA ILE A 18 0.26 -3.84 5.83
C ILE A 18 -1.17 -3.82 5.30
N ILE A 19 -1.36 -3.35 4.06
CA ILE A 19 -2.70 -3.28 3.46
C ILE A 19 -3.33 -4.67 3.31
N ASN A 20 -2.49 -5.70 3.21
CA ASN A 20 -2.93 -7.07 2.98
C ASN A 20 -3.64 -7.60 4.21
N THR A 21 -3.17 -7.23 5.40
CA THR A 21 -3.86 -7.64 6.63
C THR A 21 -5.28 -7.04 6.65
N GLY A 22 -5.34 -5.73 6.35
CA GLY A 22 -6.58 -5.02 6.13
C GLY A 22 -7.60 -5.14 7.24
N SER A 23 -7.29 -4.61 8.38
CA SER A 23 -8.23 -4.60 9.46
C SER A 23 -8.94 -3.25 9.56
N ALA A 24 -8.34 -2.31 10.27
CA ALA A 24 -8.89 -0.98 10.35
C ALA A 24 -8.25 -0.12 9.30
N VAL A 25 -9.05 0.45 8.40
CA VAL A 25 -8.52 1.25 7.28
C VAL A 25 -7.66 2.40 7.77
N ALA A 26 -8.16 3.11 8.77
CA ALA A 26 -7.46 4.23 9.35
C ALA A 26 -6.12 3.79 9.96
N THR A 27 -6.10 2.59 10.50
CA THR A 27 -4.92 2.06 11.11
C THR A 27 -3.89 1.68 10.04
N ILE A 28 -4.37 1.15 8.91
CA ILE A 28 -3.50 0.76 7.81
C ILE A 28 -2.72 1.97 7.35
N ILE A 29 -3.45 3.05 7.07
CA ILE A 29 -2.87 4.32 6.62
C ILE A 29 -1.77 4.76 7.58
N ALA A 30 -2.05 4.66 8.87
CA ALA A 30 -1.13 5.08 9.91
C ALA A 30 0.11 4.17 9.96
N LEU A 31 -0.10 2.90 9.70
CA LEU A 31 0.99 1.93 9.73
C LEU A 31 1.87 2.05 8.51
N VAL A 32 1.25 2.27 7.36
CA VAL A 32 2.01 2.41 6.13
C VAL A 32 2.82 3.71 6.22
N THR A 33 2.20 4.76 6.74
CA THR A 33 2.85 6.03 6.95
C THR A 33 3.98 5.93 8.00
N ALA A 34 3.90 4.95 8.88
CA ALA A 34 4.95 4.74 9.86
C ALA A 34 6.18 4.12 9.19
N VAL A 35 5.93 3.31 8.17
CA VAL A 35 7.00 2.62 7.46
C VAL A 35 7.62 3.47 6.37
N VAL A 36 6.80 4.09 5.56
CA VAL A 36 7.33 4.88 4.44
C VAL A 36 7.45 6.37 4.74
N GLY A 37 6.60 6.84 5.64
CA GLY A 37 6.58 8.24 5.96
C GLY A 37 5.92 9.08 4.88
N GLY A 38 5.77 10.36 5.16
CA GLY A 38 5.28 11.30 4.16
C GLY A 38 3.80 11.20 3.82
N GLY A 39 3.08 10.36 4.52
CA GLY A 39 1.62 10.22 4.32
C GLY A 39 1.23 9.89 2.88
N LEU A 40 2.20 9.39 2.15
CA LEU A 40 2.08 8.94 0.76
C LEU A 40 0.85 8.01 0.57
N ILE A 41 0.85 6.91 1.26
CA ILE A 41 -0.23 5.99 1.17
C ILE A 41 -1.37 6.46 2.06
N THR A 42 -2.31 7.10 1.45
CA THR A 42 -3.48 7.62 2.10
C THR A 42 -4.63 6.64 1.94
N ALA A 43 -5.83 7.01 2.42
CA ALA A 43 -7.01 6.17 2.30
C ALA A 43 -7.29 5.85 0.84
N GLY A 44 -7.04 6.83 -0.02
CA GLY A 44 -7.23 6.66 -1.42
C GLY A 44 -6.31 5.62 -1.99
N ILE A 45 -5.07 5.62 -1.54
CA ILE A 45 -4.11 4.67 -2.02
C ILE A 45 -4.38 3.29 -1.43
N VAL A 46 -4.68 3.24 -0.12
CA VAL A 46 -5.01 1.98 0.58
C VAL A 46 -6.19 1.28 -0.11
N ALA A 47 -7.27 2.01 -0.35
CA ALA A 47 -8.46 1.47 -0.97
C ALA A 47 -8.17 0.94 -2.37
N THR A 48 -7.41 1.71 -3.12
CA THR A 48 -7.07 1.33 -4.47
C THR A 48 -6.18 0.08 -4.47
N ALA A 49 -5.12 0.11 -3.66
CA ALA A 49 -4.15 -0.96 -3.58
C ALA A 49 -4.80 -2.26 -3.16
N LYS A 50 -5.66 -2.22 -2.15
CA LYS A 50 -6.36 -3.42 -1.69
C LYS A 50 -7.29 -3.99 -2.77
N SER A 51 -7.84 -3.13 -3.56
CA SER A 51 -8.69 -3.59 -4.62
C SER A 51 -7.85 -4.23 -5.73
N LEU A 52 -6.71 -3.61 -6.04
CA LEU A 52 -5.82 -4.12 -7.06
C LEU A 52 -5.26 -5.48 -6.66
N ILE A 53 -4.97 -5.67 -5.37
CA ILE A 53 -4.42 -6.95 -4.91
C ILE A 53 -5.45 -8.07 -4.97
N LYS A 54 -6.72 -7.72 -4.80
CA LYS A 54 -7.76 -8.72 -4.85
C LYS A 54 -8.04 -9.19 -6.27
N LYS A 55 -7.93 -8.31 -7.24
CA LYS A 55 -8.22 -8.66 -8.62
C LYS A 55 -7.00 -9.06 -9.41
N TYR A 56 -6.02 -8.21 -9.41
CA TYR A 56 -4.84 -8.39 -10.21
C TYR A 56 -3.77 -9.13 -9.44
N GLY A 57 -3.68 -8.85 -8.17
CA GLY A 57 -2.73 -9.51 -7.34
C GLY A 57 -1.83 -8.57 -6.61
N ALA A 58 -1.17 -9.08 -5.60
CA ALA A 58 -0.26 -8.31 -4.76
C ALA A 58 0.95 -7.85 -5.55
N LYS A 59 1.38 -8.68 -6.48
CA LYS A 59 2.55 -8.40 -7.30
C LYS A 59 2.27 -7.23 -8.25
N TYR A 60 1.01 -7.15 -8.69
CA TYR A 60 0.58 -6.08 -9.56
C TYR A 60 0.61 -4.77 -8.80
N ALA A 61 0.09 -4.81 -7.59
CA ALA A 61 -0.01 -3.65 -6.77
C ALA A 61 1.33 -3.18 -6.33
N ALA A 62 2.25 -4.10 -6.05
CA ALA A 62 3.61 -3.73 -5.67
C ALA A 62 4.24 -2.89 -6.77
N ALA A 63 4.04 -3.32 -8.01
CA ALA A 63 4.53 -2.62 -9.18
C ALA A 63 3.83 -1.28 -9.31
N TRP A 64 2.51 -1.31 -9.13
CA TRP A 64 1.65 -0.13 -9.23
C TRP A 64 2.06 0.92 -8.19
N LEU A 1 2.24 0.57 -7.17
CA LEU A 1 2.65 1.49 -6.11
C LEU A 1 3.92 2.17 -6.50
N THR A 2 4.89 1.37 -6.84
CA THR A 2 6.21 1.83 -7.21
C THR A 2 6.13 2.80 -8.40
N ALA A 3 5.39 2.40 -9.41
CA ALA A 3 5.23 3.16 -10.64
C ALA A 3 4.54 4.50 -10.42
N ASN A 4 3.54 4.53 -9.60
CA ASN A 4 2.75 5.74 -9.41
C ASN A 4 3.32 6.64 -8.36
N LEU A 5 3.77 6.07 -7.28
CA LEU A 5 4.28 6.86 -6.17
C LEU A 5 5.72 7.22 -6.38
N GLY A 6 6.43 6.39 -7.12
CA GLY A 6 7.82 6.66 -7.34
C GLY A 6 8.60 6.24 -6.14
N ILE A 7 8.29 5.06 -5.67
CA ILE A 7 8.92 4.55 -4.46
C ILE A 7 9.72 3.30 -4.77
N SER A 8 10.35 2.76 -3.76
CA SER A 8 11.06 1.54 -3.92
C SER A 8 10.07 0.38 -3.88
N SER A 9 10.39 -0.69 -4.57
CA SER A 9 9.56 -1.86 -4.57
C SER A 9 9.63 -2.52 -3.19
N TYR A 10 10.69 -2.21 -2.46
CA TYR A 10 10.88 -2.63 -1.09
C TYR A 10 9.73 -2.06 -0.25
N ALA A 11 9.60 -0.73 -0.30
CA ALA A 11 8.58 -0.03 0.44
C ALA A 11 7.21 -0.44 -0.03
N ALA A 12 7.06 -0.60 -1.34
CA ALA A 12 5.82 -1.04 -1.93
C ALA A 12 5.39 -2.39 -1.37
N LYS A 13 6.32 -3.33 -1.33
CA LYS A 13 6.07 -4.67 -0.81
C LYS A 13 5.69 -4.61 0.66
N LYS A 14 6.33 -3.71 1.37
CA LYS A 14 6.04 -3.48 2.75
C LYS A 14 4.62 -2.95 2.93
N VAL A 15 4.24 -1.99 2.08
CA VAL A 15 2.86 -1.46 2.02
C VAL A 15 1.90 -2.62 1.78
N ILE A 16 2.25 -3.46 0.82
CA ILE A 16 1.45 -4.63 0.43
C ILE A 16 1.15 -5.51 1.63
N ASP A 17 2.15 -5.75 2.44
CA ASP A 17 2.00 -6.58 3.62
C ASP A 17 0.98 -5.97 4.56
N ILE A 18 1.12 -4.70 4.79
CA ILE A 18 0.29 -4.00 5.74
C ILE A 18 -1.16 -3.89 5.24
N ILE A 19 -1.33 -3.45 4.00
CA ILE A 19 -2.68 -3.32 3.42
C ILE A 19 -3.39 -4.69 3.33
N ASN A 20 -2.62 -5.76 3.21
CA ASN A 20 -3.17 -7.10 3.12
C ASN A 20 -3.46 -7.64 4.53
N THR A 21 -2.65 -7.28 5.49
CA THR A 21 -2.84 -7.76 6.84
C THR A 21 -3.92 -6.98 7.59
N GLY A 22 -3.88 -5.68 7.45
CA GLY A 22 -4.78 -4.80 8.15
C GLY A 22 -6.22 -4.87 7.70
N SER A 23 -7.09 -4.33 8.50
CA SER A 23 -8.51 -4.32 8.23
C SER A 23 -9.00 -2.91 7.89
N ALA A 24 -9.16 -2.08 8.91
CA ALA A 24 -9.65 -0.73 8.73
C ALA A 24 -8.62 0.09 8.01
N VAL A 25 -9.07 0.81 7.00
CA VAL A 25 -8.22 1.65 6.18
C VAL A 25 -7.43 2.64 7.04
N ALA A 26 -8.13 3.30 7.96
CA ALA A 26 -7.51 4.26 8.87
C ALA A 26 -6.38 3.61 9.68
N THR A 27 -6.57 2.37 10.05
CA THR A 27 -5.61 1.64 10.85
C THR A 27 -4.38 1.34 10.00
N ILE A 28 -4.64 0.95 8.77
CA ILE A 28 -3.61 0.63 7.81
C ILE A 28 -2.79 1.85 7.49
N ILE A 29 -3.45 2.97 7.20
CA ILE A 29 -2.77 4.22 6.85
C ILE A 29 -1.74 4.59 7.91
N ALA A 30 -2.14 4.47 9.17
CA ALA A 30 -1.26 4.83 10.28
C ALA A 30 -0.05 3.91 10.32
N LEU A 31 -0.26 2.64 10.03
CA LEU A 31 0.81 1.66 10.04
C LEU A 31 1.76 1.90 8.85
N VAL A 32 1.18 2.07 7.68
CA VAL A 32 1.97 2.27 6.48
C VAL A 32 2.73 3.58 6.56
N THR A 33 2.08 4.60 7.11
CA THR A 33 2.71 5.91 7.27
C THR A 33 3.92 5.83 8.23
N ALA A 34 3.86 4.93 9.22
CA ALA A 34 4.96 4.76 10.14
C ALA A 34 6.13 4.05 9.45
N VAL A 35 5.80 3.24 8.46
CA VAL A 35 6.79 2.47 7.74
C VAL A 35 7.39 3.23 6.56
N VAL A 36 6.54 3.77 5.71
CA VAL A 36 7.02 4.41 4.49
C VAL A 36 7.25 5.90 4.65
N GLY A 37 6.54 6.52 5.53
CA GLY A 37 6.69 7.93 5.68
C GLY A 37 5.36 8.63 5.71
N GLY A 38 5.40 9.86 6.14
CA GLY A 38 4.25 10.70 6.33
C GLY A 38 3.37 10.89 5.11
N GLY A 39 2.14 10.42 5.23
CA GLY A 39 1.08 10.75 4.30
C GLY A 39 1.29 10.29 2.89
N LEU A 40 2.21 9.40 2.69
CA LEU A 40 2.40 8.81 1.39
C LEU A 40 1.20 7.93 1.02
N ILE A 41 1.08 6.83 1.70
CA ILE A 41 0.00 5.95 1.43
C ILE A 41 -1.20 6.45 2.20
N THR A 42 -2.05 7.12 1.50
CA THR A 42 -3.23 7.69 2.07
C THR A 42 -4.39 6.73 1.86
N ALA A 43 -5.57 7.10 2.36
CA ALA A 43 -6.78 6.29 2.24
C ALA A 43 -7.07 5.95 0.80
N GLY A 44 -6.83 6.91 -0.07
CA GLY A 44 -7.02 6.72 -1.48
C GLY A 44 -6.10 5.67 -2.02
N ILE A 45 -4.83 5.69 -1.59
CA ILE A 45 -3.88 4.73 -2.09
C ILE A 45 -4.15 3.36 -1.46
N VAL A 46 -4.47 3.35 -0.16
CA VAL A 46 -4.77 2.11 0.55
C VAL A 46 -5.93 1.38 -0.11
N ALA A 47 -7.06 2.08 -0.28
CA ALA A 47 -8.26 1.49 -0.87
C ALA A 47 -8.00 0.98 -2.28
N THR A 48 -7.27 1.77 -3.05
CA THR A 48 -6.93 1.38 -4.41
C THR A 48 -6.02 0.15 -4.41
N ALA A 49 -4.94 0.20 -3.64
CA ALA A 49 -3.98 -0.89 -3.56
C ALA A 49 -4.65 -2.18 -3.07
N LYS A 50 -5.50 -2.05 -2.08
CA LYS A 50 -6.26 -3.18 -1.56
C LYS A 50 -7.17 -3.77 -2.62
N SER A 51 -7.73 -2.92 -3.44
CA SER A 51 -8.60 -3.38 -4.50
C SER A 51 -7.78 -4.08 -5.59
N LEU A 52 -6.60 -3.56 -5.87
CA LEU A 52 -5.73 -4.13 -6.87
C LEU A 52 -5.22 -5.50 -6.41
N ILE A 53 -4.94 -5.66 -5.12
CA ILE A 53 -4.45 -6.96 -4.61
C ILE A 53 -5.56 -8.00 -4.60
N LYS A 54 -6.81 -7.52 -4.51
CA LYS A 54 -7.98 -8.42 -4.56
C LYS A 54 -8.10 -9.05 -5.93
N LYS A 55 -8.00 -8.23 -6.95
CA LYS A 55 -8.18 -8.70 -8.32
C LYS A 55 -6.90 -9.15 -8.99
N TYR A 56 -5.97 -8.27 -9.08
CA TYR A 56 -4.77 -8.52 -9.84
C TYR A 56 -3.74 -9.23 -8.98
N GLY A 57 -3.63 -8.81 -7.76
CA GLY A 57 -2.75 -9.47 -6.85
C GLY A 57 -1.78 -8.56 -6.15
N ALA A 58 -1.12 -9.11 -5.16
CA ALA A 58 -0.20 -8.40 -4.30
C ALA A 58 1.02 -7.91 -5.07
N LYS A 59 1.48 -8.72 -5.99
CA LYS A 59 2.64 -8.40 -6.78
C LYS A 59 2.33 -7.29 -7.80
N TYR A 60 1.07 -7.23 -8.25
CA TYR A 60 0.65 -6.23 -9.19
C TYR A 60 0.68 -4.88 -8.55
N ALA A 61 0.12 -4.81 -7.37
CA ALA A 61 0.01 -3.57 -6.66
C ALA A 61 1.36 -3.04 -6.27
N ALA A 62 2.29 -3.93 -5.99
CA ALA A 62 3.65 -3.52 -5.65
C ALA A 62 4.28 -2.78 -6.82
N ALA A 63 4.04 -3.29 -8.03
CA ALA A 63 4.53 -2.66 -9.23
C ALA A 63 3.81 -1.33 -9.45
N TRP A 64 2.49 -1.35 -9.27
CA TRP A 64 1.64 -0.17 -9.41
C TRP A 64 2.06 0.94 -8.44
N LEU A 1 2.15 0.67 -7.05
CA LEU A 1 2.58 1.57 -5.98
C LEU A 1 3.88 2.20 -6.36
N THR A 2 4.80 1.37 -6.75
CA THR A 2 6.13 1.78 -7.13
C THR A 2 6.09 2.80 -8.26
N ALA A 3 5.31 2.50 -9.27
CA ALA A 3 5.17 3.35 -10.44
C ALA A 3 4.53 4.70 -10.12
N ASN A 4 3.46 4.68 -9.34
CA ASN A 4 2.68 5.89 -9.08
C ASN A 4 3.22 6.74 -7.96
N LEU A 5 3.83 6.11 -7.01
CA LEU A 5 4.37 6.83 -5.88
C LEU A 5 5.83 7.16 -6.13
N GLY A 6 6.49 6.33 -6.93
CA GLY A 6 7.87 6.57 -7.23
C GLY A 6 8.71 6.10 -6.09
N ILE A 7 8.37 4.94 -5.59
CA ILE A 7 9.03 4.36 -4.44
C ILE A 7 9.80 3.12 -4.83
N SER A 8 10.46 2.52 -3.87
CA SER A 8 11.18 1.31 -4.09
C SER A 8 10.24 0.11 -3.97
N SER A 9 10.62 -1.00 -4.57
CA SER A 9 9.87 -2.23 -4.46
C SER A 9 9.87 -2.72 -3.01
N TYR A 10 10.89 -2.31 -2.25
CA TYR A 10 10.99 -2.62 -0.84
C TYR A 10 9.78 -2.03 -0.13
N ALA A 11 9.65 -0.72 -0.21
CA ALA A 11 8.57 0.01 0.45
C ALA A 11 7.23 -0.41 -0.08
N ALA A 12 7.14 -0.66 -1.37
CA ALA A 12 5.91 -1.09 -2.00
C ALA A 12 5.42 -2.40 -1.39
N LYS A 13 6.32 -3.36 -1.27
CA LYS A 13 5.98 -4.66 -0.72
C LYS A 13 5.56 -4.53 0.74
N LYS A 14 6.22 -3.63 1.44
CA LYS A 14 5.90 -3.33 2.82
C LYS A 14 4.46 -2.84 2.92
N VAL A 15 4.13 -1.87 2.08
CA VAL A 15 2.75 -1.34 1.98
C VAL A 15 1.78 -2.50 1.71
N ILE A 16 2.15 -3.34 0.74
CA ILE A 16 1.36 -4.50 0.34
C ILE A 16 1.05 -5.41 1.50
N ASP A 17 2.05 -5.68 2.30
CA ASP A 17 1.89 -6.56 3.45
C ASP A 17 0.95 -5.93 4.47
N ILE A 18 1.10 -4.65 4.68
CA ILE A 18 0.30 -3.94 5.67
C ILE A 18 -1.16 -3.81 5.22
N ILE A 19 -1.38 -3.38 3.98
CA ILE A 19 -2.74 -3.23 3.45
C ILE A 19 -3.46 -4.60 3.41
N ASN A 20 -2.69 -5.67 3.20
CA ASN A 20 -3.24 -7.00 3.09
C ASN A 20 -3.58 -7.55 4.49
N THR A 21 -2.78 -7.17 5.48
CA THR A 21 -2.98 -7.63 6.83
C THR A 21 -4.05 -6.79 7.56
N GLY A 22 -3.89 -5.48 7.47
CA GLY A 22 -4.76 -4.57 8.18
C GLY A 22 -6.19 -4.56 7.67
N SER A 23 -7.08 -4.36 8.59
CA SER A 23 -8.49 -4.34 8.32
C SER A 23 -9.01 -2.93 8.06
N ALA A 24 -9.16 -2.14 9.12
CA ALA A 24 -9.66 -0.77 8.99
C ALA A 24 -8.66 0.09 8.25
N VAL A 25 -9.16 0.82 7.26
CA VAL A 25 -8.34 1.67 6.41
C VAL A 25 -7.54 2.67 7.24
N ALA A 26 -8.21 3.34 8.17
CA ALA A 26 -7.58 4.31 9.05
C ALA A 26 -6.44 3.68 9.85
N THR A 27 -6.63 2.43 10.22
CA THR A 27 -5.65 1.70 10.98
C THR A 27 -4.45 1.37 10.10
N ILE A 28 -4.73 1.02 8.85
CA ILE A 28 -3.72 0.71 7.88
C ILE A 28 -2.88 1.94 7.58
N ILE A 29 -3.56 3.06 7.33
CA ILE A 29 -2.87 4.33 7.01
C ILE A 29 -1.84 4.66 8.07
N ALA A 30 -2.21 4.53 9.33
CA ALA A 30 -1.33 4.84 10.44
C ALA A 30 -0.13 3.89 10.45
N LEU A 31 -0.36 2.66 10.11
CA LEU A 31 0.69 1.66 10.08
C LEU A 31 1.63 1.91 8.91
N VAL A 32 1.06 2.12 7.73
CA VAL A 32 1.86 2.30 6.53
C VAL A 32 2.65 3.60 6.61
N THR A 33 2.03 4.65 7.13
CA THR A 33 2.69 5.94 7.26
C THR A 33 3.83 5.85 8.29
N ALA A 34 3.69 4.97 9.26
CA ALA A 34 4.74 4.77 10.26
C ALA A 34 5.91 3.98 9.64
N VAL A 35 5.62 3.20 8.62
CA VAL A 35 6.63 2.40 7.98
C VAL A 35 7.31 3.14 6.82
N VAL A 36 6.52 3.68 5.92
CA VAL A 36 7.10 4.34 4.74
C VAL A 36 7.35 5.82 4.95
N GLY A 37 6.55 6.43 5.81
CA GLY A 37 6.64 7.85 6.05
C GLY A 37 6.18 8.69 4.87
N GLY A 38 6.09 9.98 5.07
CA GLY A 38 5.80 10.91 4.01
C GLY A 38 4.34 11.05 3.67
N GLY A 39 3.50 10.41 4.45
CA GLY A 39 2.03 10.50 4.27
C GLY A 39 1.54 10.05 2.89
N LEU A 40 2.43 9.38 2.18
CA LEU A 40 2.20 8.86 0.82
C LEU A 40 0.93 8.02 0.73
N ILE A 41 0.88 6.98 1.51
CA ILE A 41 -0.22 6.09 1.44
C ILE A 41 -1.40 6.66 2.17
N THR A 42 -2.32 7.16 1.39
CA THR A 42 -3.54 7.73 1.90
C THR A 42 -4.64 6.69 1.89
N ALA A 43 -5.83 7.06 2.37
CA ALA A 43 -6.99 6.17 2.39
C ALA A 43 -7.33 5.76 0.99
N GLY A 44 -7.12 6.69 0.07
CA GLY A 44 -7.34 6.44 -1.32
C GLY A 44 -6.37 5.41 -1.83
N ILE A 45 -5.11 5.50 -1.43
CA ILE A 45 -4.13 4.56 -1.90
C ILE A 45 -4.37 3.21 -1.27
N VAL A 46 -4.65 3.18 0.04
CA VAL A 46 -4.93 1.93 0.76
C VAL A 46 -6.08 1.17 0.08
N ALA A 47 -7.18 1.87 -0.15
CA ALA A 47 -8.36 1.29 -0.75
C ALA A 47 -8.08 0.79 -2.17
N THR A 48 -7.41 1.61 -2.96
CA THR A 48 -7.07 1.25 -4.32
C THR A 48 -6.11 0.06 -4.35
N ALA A 49 -5.05 0.14 -3.55
CA ALA A 49 -4.02 -0.87 -3.49
C ALA A 49 -4.58 -2.23 -3.10
N LYS A 50 -5.39 -2.29 -2.04
CA LYS A 50 -5.96 -3.57 -1.66
C LYS A 50 -7.01 -4.07 -2.66
N SER A 51 -7.56 -3.15 -3.43
CA SER A 51 -8.48 -3.52 -4.46
C SER A 51 -7.69 -4.21 -5.56
N LEU A 52 -6.55 -3.63 -5.90
CA LEU A 52 -5.68 -4.15 -6.94
C LEU A 52 -5.12 -5.52 -6.54
N ILE A 53 -4.87 -5.73 -5.25
CA ILE A 53 -4.32 -7.01 -4.81
C ILE A 53 -5.38 -8.10 -4.86
N LYS A 54 -6.65 -7.73 -4.69
CA LYS A 54 -7.71 -8.72 -4.74
C LYS A 54 -7.96 -9.20 -6.19
N LYS A 55 -7.81 -8.29 -7.13
CA LYS A 55 -8.07 -8.61 -8.52
C LYS A 55 -6.83 -9.05 -9.29
N TYR A 56 -5.83 -8.24 -9.25
CA TYR A 56 -4.65 -8.47 -10.06
C TYR A 56 -3.57 -9.18 -9.27
N GLY A 57 -3.50 -8.90 -8.00
CA GLY A 57 -2.53 -9.55 -7.16
C GLY A 57 -1.70 -8.58 -6.39
N ALA A 58 -1.05 -9.08 -5.37
CA ALA A 58 -0.21 -8.32 -4.48
C ALA A 58 0.99 -7.76 -5.23
N LYS A 59 1.52 -8.55 -6.13
CA LYS A 59 2.68 -8.18 -6.91
C LYS A 59 2.33 -7.05 -7.90
N TYR A 60 1.09 -7.06 -8.38
CA TYR A 60 0.64 -6.05 -9.32
C TYR A 60 0.64 -4.71 -8.63
N ALA A 61 0.05 -4.69 -7.46
CA ALA A 61 -0.08 -3.48 -6.72
C ALA A 61 1.26 -2.97 -6.27
N ALA A 62 2.19 -3.88 -6.00
CA ALA A 62 3.54 -3.50 -5.64
C ALA A 62 4.16 -2.67 -6.75
N ALA A 63 4.00 -3.14 -7.99
CA ALA A 63 4.50 -2.44 -9.15
C ALA A 63 3.74 -1.13 -9.35
N TRP A 64 2.43 -1.17 -9.17
CA TRP A 64 1.56 -0.01 -9.29
C TRP A 64 1.97 1.07 -8.30
N LEU A 1 2.29 0.55 -6.97
CA LEU A 1 2.73 1.45 -5.90
C LEU A 1 4.03 2.11 -6.30
N THR A 2 4.99 1.31 -6.68
CA THR A 2 6.29 1.77 -7.08
C THR A 2 6.20 2.77 -8.23
N ALA A 3 5.41 2.43 -9.23
CA ALA A 3 5.25 3.22 -10.43
C ALA A 3 4.52 4.54 -10.19
N ASN A 4 3.53 4.52 -9.35
CA ASN A 4 2.71 5.71 -9.12
C ASN A 4 3.24 6.60 -8.04
N LEU A 5 3.84 6.03 -7.05
CA LEU A 5 4.34 6.82 -5.95
C LEU A 5 5.79 7.17 -6.17
N GLY A 6 6.49 6.34 -6.92
CA GLY A 6 7.87 6.61 -7.19
C GLY A 6 8.71 6.11 -6.05
N ILE A 7 8.30 4.99 -5.52
CA ILE A 7 8.95 4.43 -4.37
C ILE A 7 9.65 3.16 -4.77
N SER A 8 10.41 2.60 -3.88
CA SER A 8 11.11 1.40 -4.15
C SER A 8 10.18 0.20 -4.06
N SER A 9 10.63 -0.93 -4.56
CA SER A 9 9.89 -2.15 -4.50
C SER A 9 9.91 -2.69 -3.07
N TYR A 10 10.94 -2.30 -2.32
CA TYR A 10 11.05 -2.67 -0.93
C TYR A 10 9.92 -2.00 -0.16
N ALA A 11 9.81 -0.68 -0.30
CA ALA A 11 8.77 0.09 0.37
C ALA A 11 7.40 -0.35 -0.09
N ALA A 12 7.27 -0.63 -1.37
CA ALA A 12 6.02 -1.12 -1.94
C ALA A 12 5.63 -2.43 -1.30
N LYS A 13 6.61 -3.32 -1.15
CA LYS A 13 6.40 -4.64 -0.57
C LYS A 13 5.97 -4.50 0.89
N LYS A 14 6.56 -3.52 1.56
CA LYS A 14 6.20 -3.17 2.92
C LYS A 14 4.74 -2.77 2.97
N VAL A 15 4.36 -1.82 2.11
CA VAL A 15 2.96 -1.37 2.00
C VAL A 15 2.03 -2.55 1.76
N ILE A 16 2.41 -3.41 0.81
CA ILE A 16 1.63 -4.60 0.44
C ILE A 16 1.34 -5.47 1.66
N ASP A 17 2.35 -5.68 2.49
CA ASP A 17 2.19 -6.51 3.68
C ASP A 17 1.21 -5.88 4.65
N ILE A 18 1.32 -4.59 4.80
CA ILE A 18 0.49 -3.87 5.76
C ILE A 18 -0.97 -3.79 5.27
N ILE A 19 -1.17 -3.39 4.03
CA ILE A 19 -2.53 -3.31 3.46
C ILE A 19 -3.21 -4.69 3.44
N ASN A 20 -2.41 -5.73 3.30
CA ASN A 20 -2.92 -7.09 3.25
C ASN A 20 -3.25 -7.59 4.66
N THR A 21 -2.44 -7.22 5.62
CA THR A 21 -2.64 -7.64 7.00
C THR A 21 -3.77 -6.85 7.66
N GLY A 22 -3.73 -5.54 7.50
CA GLY A 22 -4.68 -4.66 8.13
C GLY A 22 -6.07 -4.72 7.52
N SER A 23 -7.05 -4.56 8.35
CA SER A 23 -8.42 -4.60 7.94
C SER A 23 -8.93 -3.19 7.64
N ALA A 24 -9.14 -2.41 8.69
CA ALA A 24 -9.65 -1.06 8.55
C ALA A 24 -8.62 -0.17 7.90
N VAL A 25 -9.07 0.64 6.97
CA VAL A 25 -8.22 1.53 6.20
C VAL A 25 -7.44 2.46 7.12
N ALA A 26 -8.11 3.04 8.09
CA ALA A 26 -7.49 3.94 9.05
C ALA A 26 -6.39 3.25 9.85
N THR A 27 -6.58 1.97 10.11
CA THR A 27 -5.62 1.20 10.84
C THR A 27 -4.37 1.02 9.99
N ILE A 28 -4.61 0.74 8.73
CA ILE A 28 -3.57 0.52 7.77
C ILE A 28 -2.79 1.79 7.53
N ILE A 29 -3.50 2.91 7.30
CA ILE A 29 -2.85 4.20 7.06
C ILE A 29 -1.85 4.53 8.16
N ALA A 30 -2.27 4.31 9.39
CA ALA A 30 -1.43 4.61 10.54
C ALA A 30 -0.17 3.77 10.53
N LEU A 31 -0.32 2.52 10.14
CA LEU A 31 0.80 1.61 10.12
C LEU A 31 1.72 1.90 8.93
N VAL A 32 1.14 2.11 7.76
CA VAL A 32 1.93 2.37 6.57
C VAL A 32 2.67 3.69 6.71
N THR A 33 2.01 4.68 7.29
CA THR A 33 2.61 5.98 7.51
C THR A 33 3.78 5.86 8.52
N ALA A 34 3.63 4.95 9.47
CA ALA A 34 4.66 4.71 10.47
C ALA A 34 5.88 4.03 9.84
N VAL A 35 5.67 3.38 8.71
CA VAL A 35 6.76 2.71 8.02
C VAL A 35 7.36 3.59 6.92
N VAL A 36 6.54 4.11 6.03
CA VAL A 36 7.08 4.85 4.88
C VAL A 36 7.33 6.32 5.19
N GLY A 37 6.58 6.87 6.11
CA GLY A 37 6.75 8.26 6.46
C GLY A 37 5.46 9.01 6.46
N GLY A 38 4.80 8.97 5.36
CA GLY A 38 3.54 9.63 5.22
C GLY A 38 3.41 10.35 3.90
N GLY A 39 2.18 10.69 3.56
CA GLY A 39 1.91 11.49 2.37
C GLY A 39 1.78 10.65 1.12
N LEU A 40 2.32 9.48 1.19
CA LEU A 40 2.33 8.55 0.09
C LEU A 40 1.08 7.70 0.13
N ILE A 41 1.03 6.81 1.08
CA ILE A 41 -0.05 5.91 1.18
C ILE A 41 -1.13 6.52 2.02
N THR A 42 -2.03 7.14 1.36
CA THR A 42 -3.15 7.75 1.98
C THR A 42 -4.33 6.78 1.94
N ALA A 43 -5.49 7.21 2.44
CA ALA A 43 -6.71 6.41 2.42
C ALA A 43 -7.03 5.96 1.01
N GLY A 44 -6.83 6.87 0.08
CA GLY A 44 -7.06 6.60 -1.31
C GLY A 44 -6.14 5.56 -1.85
N ILE A 45 -4.90 5.56 -1.40
CA ILE A 45 -3.95 4.60 -1.90
C ILE A 45 -4.21 3.25 -1.28
N VAL A 46 -4.49 3.20 0.03
CA VAL A 46 -4.81 1.96 0.72
C VAL A 46 -6.01 1.29 0.05
N ALA A 47 -7.08 2.07 -0.12
CA ALA A 47 -8.31 1.58 -0.70
C ALA A 47 -8.08 1.08 -2.12
N THR A 48 -7.36 1.86 -2.92
CA THR A 48 -7.05 1.49 -4.28
C THR A 48 -6.17 0.22 -4.32
N ALA A 49 -5.12 0.22 -3.53
CA ALA A 49 -4.16 -0.89 -3.49
C ALA A 49 -4.83 -2.19 -3.07
N LYS A 50 -5.69 -2.12 -2.06
CA LYS A 50 -6.41 -3.32 -1.61
C LYS A 50 -7.37 -3.82 -2.68
N SER A 51 -7.89 -2.91 -3.47
CA SER A 51 -8.76 -3.27 -4.55
C SER A 51 -7.95 -3.94 -5.66
N LEU A 52 -6.76 -3.43 -5.91
CA LEU A 52 -5.89 -3.96 -6.94
C LEU A 52 -5.41 -5.35 -6.56
N ILE A 53 -5.13 -5.59 -5.28
CA ILE A 53 -4.68 -6.90 -4.86
C ILE A 53 -5.84 -7.89 -4.87
N LYS A 54 -7.06 -7.39 -4.76
CA LYS A 54 -8.24 -8.22 -4.77
C LYS A 54 -8.47 -8.78 -6.19
N LYS A 55 -8.21 -7.95 -7.19
CA LYS A 55 -8.40 -8.35 -8.60
C LYS A 55 -7.12 -8.85 -9.27
N TYR A 56 -6.11 -8.04 -9.27
CA TYR A 56 -4.89 -8.33 -9.98
C TYR A 56 -3.89 -9.08 -9.10
N GLY A 57 -3.85 -8.70 -7.85
CA GLY A 57 -2.99 -9.40 -6.92
C GLY A 57 -1.99 -8.51 -6.23
N ALA A 58 -1.37 -9.05 -5.20
CA ALA A 58 -0.40 -8.35 -4.36
C ALA A 58 0.80 -7.85 -5.16
N LYS A 59 1.29 -8.68 -6.05
CA LYS A 59 2.48 -8.37 -6.84
C LYS A 59 2.18 -7.27 -7.85
N TYR A 60 0.93 -7.17 -8.28
CA TYR A 60 0.53 -6.14 -9.21
C TYR A 60 0.61 -4.80 -8.52
N ALA A 61 0.03 -4.75 -7.34
CA ALA A 61 -0.01 -3.52 -6.60
C ALA A 61 1.36 -3.08 -6.19
N ALA A 62 2.25 -4.05 -5.95
CA ALA A 62 3.65 -3.75 -5.62
C ALA A 62 4.27 -2.94 -6.75
N ALA A 63 3.99 -3.34 -7.98
CA ALA A 63 4.47 -2.63 -9.15
C ALA A 63 3.78 -1.28 -9.26
N TRP A 64 2.47 -1.29 -9.12
CA TRP A 64 1.64 -0.10 -9.21
C TRP A 64 2.07 0.97 -8.22
N LEU A 1 2.19 0.50 -6.92
CA LEU A 1 2.62 1.34 -5.79
C LEU A 1 3.92 2.02 -6.11
N THR A 2 4.91 1.24 -6.49
CA THR A 2 6.22 1.75 -6.82
C THR A 2 6.13 2.80 -7.93
N ALA A 3 5.36 2.47 -8.96
CA ALA A 3 5.22 3.32 -10.14
C ALA A 3 4.56 4.66 -9.82
N ASN A 4 3.48 4.61 -9.08
CA ASN A 4 2.68 5.81 -8.83
C ASN A 4 3.16 6.61 -7.65
N LEU A 5 3.65 5.95 -6.64
CA LEU A 5 4.12 6.66 -5.46
C LEU A 5 5.56 7.06 -5.64
N GLY A 6 6.28 6.29 -6.44
CA GLY A 6 7.67 6.58 -6.68
C GLY A 6 8.52 6.08 -5.56
N ILE A 7 8.18 4.90 -5.09
CA ILE A 7 8.85 4.32 -3.95
C ILE A 7 9.67 3.12 -4.37
N SER A 8 10.41 2.57 -3.46
CA SER A 8 11.24 1.43 -3.75
C SER A 8 10.42 0.15 -3.77
N SER A 9 11.01 -0.91 -4.31
CA SER A 9 10.37 -2.19 -4.34
C SER A 9 10.27 -2.76 -2.91
N TYR A 10 11.23 -2.38 -2.07
CA TYR A 10 11.24 -2.77 -0.68
C TYR A 10 10.04 -2.16 0.01
N ALA A 11 9.91 -0.84 -0.14
CA ALA A 11 8.82 -0.10 0.47
C ALA A 11 7.49 -0.59 -0.01
N ALA A 12 7.37 -0.81 -1.32
CA ALA A 12 6.12 -1.31 -1.90
C ALA A 12 5.74 -2.66 -1.31
N LYS A 13 6.72 -3.53 -1.14
CA LYS A 13 6.50 -4.85 -0.59
C LYS A 13 6.01 -4.74 0.85
N LYS A 14 6.59 -3.81 1.57
CA LYS A 14 6.19 -3.51 2.92
C LYS A 14 4.77 -2.98 2.97
N VAL A 15 4.46 -2.05 2.07
CA VAL A 15 3.10 -1.52 1.95
C VAL A 15 2.12 -2.66 1.70
N ILE A 16 2.50 -3.57 0.79
CA ILE A 16 1.70 -4.74 0.45
C ILE A 16 1.43 -5.57 1.70
N ASP A 17 2.46 -5.78 2.49
CA ASP A 17 2.35 -6.56 3.71
C ASP A 17 1.37 -5.90 4.66
N ILE A 18 1.50 -4.61 4.82
CA ILE A 18 0.68 -3.86 5.75
C ILE A 18 -0.79 -3.80 5.27
N ILE A 19 -1.02 -3.39 4.03
CA ILE A 19 -2.39 -3.30 3.49
C ILE A 19 -3.10 -4.66 3.48
N ASN A 20 -2.32 -5.73 3.38
CA ASN A 20 -2.87 -7.07 3.32
C ASN A 20 -3.12 -7.61 4.73
N THR A 21 -2.26 -7.24 5.67
CA THR A 21 -2.43 -7.68 7.06
C THR A 21 -3.52 -6.87 7.75
N GLY A 22 -3.48 -5.57 7.55
CA GLY A 22 -4.40 -4.66 8.17
C GLY A 22 -5.81 -4.81 7.64
N SER A 23 -6.74 -4.53 8.50
CA SER A 23 -8.14 -4.64 8.22
C SER A 23 -8.76 -3.28 7.93
N ALA A 24 -8.91 -2.48 8.96
CA ALA A 24 -9.49 -1.15 8.85
C ALA A 24 -8.57 -0.24 8.09
N VAL A 25 -9.13 0.45 7.11
CA VAL A 25 -8.36 1.35 6.24
C VAL A 25 -7.60 2.38 7.05
N ALA A 26 -8.29 3.00 8.01
CA ALA A 26 -7.71 4.00 8.90
C ALA A 26 -6.49 3.44 9.63
N THR A 27 -6.59 2.20 10.03
CA THR A 27 -5.55 1.53 10.77
C THR A 27 -4.36 1.26 9.87
N ILE A 28 -4.64 0.85 8.64
CA ILE A 28 -3.63 0.56 7.66
C ILE A 28 -2.84 1.82 7.35
N ILE A 29 -3.56 2.92 7.09
CA ILE A 29 -2.92 4.21 6.77
C ILE A 29 -1.92 4.58 7.85
N ALA A 30 -2.33 4.40 9.10
CA ALA A 30 -1.50 4.74 10.24
C ALA A 30 -0.22 3.92 10.24
N LEU A 31 -0.35 2.66 9.90
CA LEU A 31 0.77 1.74 9.88
C LEU A 31 1.68 2.01 8.70
N VAL A 32 1.09 2.22 7.53
CA VAL A 32 1.89 2.47 6.33
C VAL A 32 2.64 3.80 6.48
N THR A 33 1.96 4.79 7.06
CA THR A 33 2.55 6.10 7.33
C THR A 33 3.71 5.96 8.36
N ALA A 34 3.56 5.02 9.28
CA ALA A 34 4.56 4.77 10.30
C ALA A 34 5.81 4.15 9.68
N VAL A 35 5.64 3.49 8.55
CA VAL A 35 6.75 2.86 7.87
C VAL A 35 7.35 3.74 6.77
N VAL A 36 6.53 4.26 5.88
CA VAL A 36 7.04 5.02 4.72
C VAL A 36 7.28 6.49 5.02
N GLY A 37 6.70 6.98 6.11
CA GLY A 37 6.88 8.37 6.47
C GLY A 37 5.59 9.15 6.42
N GLY A 38 4.83 8.89 5.40
CA GLY A 38 3.55 9.53 5.24
C GLY A 38 3.45 10.34 3.97
N GLY A 39 2.25 10.73 3.62
CA GLY A 39 2.00 11.60 2.49
C GLY A 39 1.83 10.84 1.20
N LEU A 40 2.36 9.66 1.20
CA LEU A 40 2.34 8.80 0.04
C LEU A 40 1.10 7.91 0.04
N ILE A 41 1.11 6.89 0.87
CA ILE A 41 0.01 5.97 0.93
C ILE A 41 -1.06 6.54 1.82
N THR A 42 -2.00 7.16 1.19
CA THR A 42 -3.13 7.76 1.84
C THR A 42 -4.30 6.79 1.81
N ALA A 43 -5.46 7.22 2.30
CA ALA A 43 -6.67 6.42 2.31
C ALA A 43 -7.02 5.98 0.89
N GLY A 44 -6.84 6.90 -0.04
CA GLY A 44 -7.12 6.63 -1.42
C GLY A 44 -6.20 5.58 -1.97
N ILE A 45 -4.95 5.60 -1.53
CA ILE A 45 -3.99 4.64 -2.00
C ILE A 45 -4.27 3.29 -1.38
N VAL A 46 -4.55 3.27 -0.08
CA VAL A 46 -4.88 2.02 0.64
C VAL A 46 -6.09 1.35 0.00
N ALA A 47 -7.16 2.12 -0.18
CA ALA A 47 -8.40 1.63 -0.76
C ALA A 47 -8.17 1.07 -2.16
N THR A 48 -7.40 1.79 -2.95
CA THR A 48 -7.10 1.37 -4.29
C THR A 48 -6.22 0.12 -4.28
N ALA A 49 -5.15 0.13 -3.50
CA ALA A 49 -4.21 -0.97 -3.43
C ALA A 49 -4.88 -2.27 -2.99
N LYS A 50 -5.74 -2.19 -1.99
CA LYS A 50 -6.47 -3.36 -1.51
C LYS A 50 -7.43 -3.88 -2.59
N SER A 51 -7.96 -2.97 -3.36
CA SER A 51 -8.85 -3.34 -4.42
C SER A 51 -8.07 -3.95 -5.59
N LEU A 52 -6.86 -3.45 -5.83
CA LEU A 52 -6.00 -3.96 -6.87
C LEU A 52 -5.52 -5.35 -6.53
N ILE A 53 -5.20 -5.59 -5.26
CA ILE A 53 -4.74 -6.92 -4.84
C ILE A 53 -5.88 -7.92 -4.87
N LYS A 54 -7.11 -7.43 -4.76
CA LYS A 54 -8.28 -8.27 -4.84
C LYS A 54 -8.45 -8.80 -6.26
N LYS A 55 -8.37 -7.92 -7.22
CA LYS A 55 -8.57 -8.29 -8.61
C LYS A 55 -7.31 -8.77 -9.29
N TYR A 56 -6.32 -7.94 -9.28
CA TYR A 56 -5.12 -8.20 -10.02
C TYR A 56 -4.12 -8.98 -9.18
N GLY A 57 -3.95 -8.58 -7.95
CA GLY A 57 -3.06 -9.32 -7.07
C GLY A 57 -2.02 -8.43 -6.40
N ALA A 58 -1.33 -8.99 -5.43
CA ALA A 58 -0.32 -8.28 -4.64
C ALA A 58 0.91 -7.91 -5.48
N LYS A 59 1.24 -8.72 -6.46
CA LYS A 59 2.38 -8.45 -7.34
C LYS A 59 2.06 -7.25 -8.23
N TYR A 60 0.79 -7.12 -8.59
CA TYR A 60 0.34 -6.03 -9.42
C TYR A 60 0.47 -4.75 -8.66
N ALA A 61 -0.10 -4.75 -7.47
CA ALA A 61 -0.11 -3.58 -6.65
C ALA A 61 1.28 -3.14 -6.28
N ALA A 62 2.18 -4.08 -6.08
CA ALA A 62 3.57 -3.77 -5.78
C ALA A 62 4.20 -2.93 -6.89
N ALA A 63 3.93 -3.32 -8.13
CA ALA A 63 4.44 -2.58 -9.28
C ALA A 63 3.73 -1.23 -9.36
N TRP A 64 2.42 -1.25 -9.16
CA TRP A 64 1.58 -0.06 -9.20
C TRP A 64 2.03 0.96 -8.14
N LEU A 1 2.28 0.58 -6.73
CA LEU A 1 2.72 1.43 -5.62
C LEU A 1 4.03 2.07 -5.95
N THR A 2 5.00 1.26 -6.32
CA THR A 2 6.32 1.73 -6.66
C THR A 2 6.27 2.76 -7.80
N ALA A 3 5.51 2.44 -8.83
CA ALA A 3 5.41 3.25 -10.05
C ALA A 3 4.72 4.60 -9.83
N ASN A 4 3.74 4.64 -8.97
CA ASN A 4 2.97 5.86 -8.75
C ASN A 4 3.53 6.70 -7.62
N LEU A 5 4.08 6.06 -6.63
CA LEU A 5 4.60 6.77 -5.48
C LEU A 5 6.07 7.08 -5.65
N GLY A 6 6.76 6.27 -6.43
CA GLY A 6 8.16 6.48 -6.66
C GLY A 6 8.96 5.94 -5.50
N ILE A 7 8.55 4.80 -5.03
CA ILE A 7 9.18 4.21 -3.86
C ILE A 7 9.93 2.96 -4.24
N SER A 8 10.63 2.39 -3.29
CA SER A 8 11.40 1.20 -3.52
C SER A 8 10.48 -0.03 -3.55
N SER A 9 10.98 -1.12 -4.09
CA SER A 9 10.25 -2.36 -4.15
C SER A 9 10.11 -2.91 -2.72
N TYR A 10 11.10 -2.58 -1.88
CA TYR A 10 11.11 -2.95 -0.47
C TYR A 10 9.93 -2.30 0.22
N ALA A 11 9.86 -0.96 0.12
CA ALA A 11 8.80 -0.19 0.76
C ALA A 11 7.44 -0.60 0.23
N ALA A 12 7.36 -0.83 -1.06
CA ALA A 12 6.11 -1.25 -1.67
C ALA A 12 5.65 -2.59 -1.13
N LYS A 13 6.58 -3.52 -0.96
CA LYS A 13 6.25 -4.84 -0.46
C LYS A 13 5.84 -4.75 1.00
N LYS A 14 6.44 -3.81 1.70
CA LYS A 14 6.07 -3.52 3.07
C LYS A 14 4.65 -3.00 3.12
N VAL A 15 4.34 -2.04 2.25
CA VAL A 15 2.98 -1.52 2.10
C VAL A 15 2.02 -2.68 1.82
N ILE A 16 2.41 -3.57 0.89
CA ILE A 16 1.61 -4.75 0.51
C ILE A 16 1.30 -5.59 1.73
N ASP A 17 2.31 -5.85 2.54
CA ASP A 17 2.15 -6.63 3.76
C ASP A 17 1.13 -5.98 4.65
N ILE A 18 1.30 -4.70 4.89
CA ILE A 18 0.43 -3.97 5.79
C ILE A 18 -1.02 -3.88 5.26
N ILE A 19 -1.20 -3.44 4.03
CA ILE A 19 -2.55 -3.32 3.45
C ILE A 19 -3.27 -4.67 3.37
N ASN A 20 -2.51 -5.75 3.28
CA ASN A 20 -3.08 -7.09 3.18
C ASN A 20 -3.38 -7.65 4.57
N THR A 21 -2.50 -7.37 5.52
CA THR A 21 -2.66 -7.86 6.89
C THR A 21 -3.73 -7.07 7.64
N GLY A 22 -3.60 -5.76 7.63
CA GLY A 22 -4.46 -4.88 8.38
C GLY A 22 -5.91 -4.92 7.96
N SER A 23 -6.77 -4.64 8.88
CA SER A 23 -8.18 -4.66 8.65
C SER A 23 -8.71 -3.26 8.37
N ALA A 24 -8.81 -2.46 9.42
CA ALA A 24 -9.33 -1.11 9.32
C ALA A 24 -8.40 -0.22 8.52
N VAL A 25 -8.98 0.53 7.60
CA VAL A 25 -8.25 1.42 6.71
C VAL A 25 -7.41 2.40 7.52
N ALA A 26 -8.03 2.99 8.53
CA ALA A 26 -7.37 3.97 9.40
C ALA A 26 -6.15 3.35 10.08
N THR A 27 -6.26 2.09 10.43
CA THR A 27 -5.19 1.38 11.10
C THR A 27 -4.05 1.12 10.12
N ILE A 28 -4.41 0.77 8.90
CA ILE A 28 -3.47 0.51 7.85
C ILE A 28 -2.71 1.76 7.48
N ILE A 29 -3.45 2.86 7.25
CA ILE A 29 -2.84 4.14 6.88
C ILE A 29 -1.78 4.53 7.89
N ALA A 30 -2.09 4.35 9.17
CA ALA A 30 -1.19 4.72 10.25
C ALA A 30 0.09 3.91 10.18
N LEU A 31 -0.05 2.64 9.86
CA LEU A 31 1.09 1.75 9.81
C LEU A 31 1.93 2.03 8.56
N VAL A 32 1.26 2.18 7.44
CA VAL A 32 1.94 2.42 6.18
C VAL A 32 2.67 3.77 6.25
N THR A 33 2.01 4.76 6.86
CA THR A 33 2.60 6.09 7.05
C THR A 33 3.86 6.00 7.94
N ALA A 34 3.85 5.09 8.89
CA ALA A 34 5.00 4.91 9.77
C ALA A 34 6.20 4.39 8.98
N VAL A 35 5.90 3.60 7.96
CA VAL A 35 6.92 3.00 7.12
C VAL A 35 7.39 3.95 6.02
N VAL A 36 6.45 4.54 5.30
CA VAL A 36 6.79 5.36 4.13
C VAL A 36 6.96 6.85 4.44
N GLY A 37 6.65 7.24 5.64
CA GLY A 37 6.81 8.62 6.03
C GLY A 37 5.50 9.34 6.06
N GLY A 38 4.78 9.21 5.00
CA GLY A 38 3.49 9.83 4.88
C GLY A 38 3.31 10.49 3.54
N GLY A 39 2.11 10.93 3.26
CA GLY A 39 1.80 11.69 2.05
C GLY A 39 1.63 10.82 0.84
N LEU A 40 2.04 9.60 0.97
CA LEU A 40 2.00 8.65 -0.10
C LEU A 40 0.74 7.79 -0.02
N ILE A 41 0.77 6.78 0.81
CA ILE A 41 -0.35 5.91 0.92
C ILE A 41 -1.37 6.48 1.87
N THR A 42 -2.32 7.15 1.29
CA THR A 42 -3.41 7.74 2.01
C THR A 42 -4.60 6.79 1.95
N ALA A 43 -5.75 7.19 2.51
CA ALA A 43 -6.97 6.37 2.51
C ALA A 43 -7.34 5.93 1.10
N GLY A 44 -7.20 6.87 0.18
CA GLY A 44 -7.50 6.60 -1.20
C GLY A 44 -6.58 5.56 -1.78
N ILE A 45 -5.32 5.60 -1.39
CA ILE A 45 -4.36 4.66 -1.91
C ILE A 45 -4.57 3.28 -1.31
N VAL A 46 -4.89 3.24 -0.01
CA VAL A 46 -5.17 1.97 0.69
C VAL A 46 -6.34 1.24 0.01
N ALA A 47 -7.43 1.98 -0.21
CA ALA A 47 -8.63 1.43 -0.84
C ALA A 47 -8.35 0.98 -2.27
N THR A 48 -7.54 1.75 -2.97
CA THR A 48 -7.17 1.43 -4.33
C THR A 48 -6.30 0.18 -4.36
N ALA A 49 -5.26 0.15 -3.54
CA ALA A 49 -4.33 -0.96 -3.49
C ALA A 49 -5.04 -2.26 -3.11
N LYS A 50 -5.96 -2.18 -2.15
CA LYS A 50 -6.78 -3.34 -1.78
C LYS A 50 -7.57 -3.87 -2.95
N SER A 51 -8.12 -2.98 -3.73
CA SER A 51 -8.91 -3.37 -4.85
C SER A 51 -8.02 -3.99 -5.93
N LEU A 52 -6.84 -3.41 -6.13
CA LEU A 52 -5.90 -3.89 -7.12
C LEU A 52 -5.39 -5.29 -6.73
N ILE A 53 -5.17 -5.54 -5.43
CA ILE A 53 -4.69 -6.84 -5.00
C ILE A 53 -5.77 -7.89 -5.12
N LYS A 54 -7.03 -7.47 -5.10
CA LYS A 54 -8.13 -8.40 -5.26
C LYS A 54 -8.28 -8.84 -6.71
N LYS A 55 -8.21 -7.88 -7.63
CA LYS A 55 -8.38 -8.20 -9.03
C LYS A 55 -7.11 -8.64 -9.70
N TYR A 56 -6.10 -7.84 -9.62
CA TYR A 56 -4.87 -8.09 -10.32
C TYR A 56 -3.90 -8.89 -9.47
N GLY A 57 -3.83 -8.55 -8.20
CA GLY A 57 -2.99 -9.29 -7.30
C GLY A 57 -2.05 -8.41 -6.53
N ALA A 58 -1.42 -8.98 -5.50
CA ALA A 58 -0.49 -8.26 -4.64
C ALA A 58 0.73 -7.81 -5.39
N LYS A 59 1.19 -8.65 -6.30
CA LYS A 59 2.36 -8.34 -7.11
C LYS A 59 2.10 -7.15 -8.00
N TYR A 60 0.86 -7.02 -8.47
CA TYR A 60 0.49 -5.92 -9.34
C TYR A 60 0.57 -4.64 -8.56
N ALA A 61 -0.02 -4.65 -7.39
CA ALA A 61 -0.07 -3.48 -6.56
C ALA A 61 1.31 -3.06 -6.12
N ALA A 62 2.19 -4.03 -5.93
CA ALA A 62 3.57 -3.75 -5.57
C ALA A 62 4.22 -2.88 -6.66
N ALA A 63 3.99 -3.26 -7.92
CA ALA A 63 4.52 -2.50 -9.04
C ALA A 63 3.84 -1.15 -9.12
N TRP A 64 2.51 -1.17 -8.97
CA TRP A 64 1.69 0.03 -9.03
C TRP A 64 2.12 1.05 -7.96
N LEU A 1 2.13 0.56 -6.97
CA LEU A 1 2.56 1.42 -5.87
C LEU A 1 3.82 2.14 -6.22
N THR A 2 4.81 1.38 -6.61
CA THR A 2 6.09 1.91 -6.96
C THR A 2 5.99 2.92 -8.10
N ALA A 3 5.22 2.57 -9.12
CA ALA A 3 5.03 3.41 -10.30
C ALA A 3 4.36 4.74 -9.98
N ASN A 4 3.32 4.68 -9.18
CA ASN A 4 2.51 5.87 -8.86
C ASN A 4 3.13 6.72 -7.79
N LEU A 5 3.65 6.08 -6.78
CA LEU A 5 4.19 6.80 -5.65
C LEU A 5 5.63 7.16 -5.91
N GLY A 6 6.31 6.40 -6.73
CA GLY A 6 7.70 6.66 -7.02
C GLY A 6 8.53 6.20 -5.86
N ILE A 7 8.21 5.03 -5.36
CA ILE A 7 8.86 4.51 -4.18
C ILE A 7 9.79 3.37 -4.50
N SER A 8 10.46 2.88 -3.49
CA SER A 8 11.36 1.79 -3.63
C SER A 8 10.59 0.48 -3.75
N SER A 9 11.29 -0.57 -4.09
CA SER A 9 10.73 -1.88 -4.15
C SER A 9 10.52 -2.37 -2.70
N TYR A 10 11.33 -1.81 -1.79
CA TYR A 10 11.26 -2.10 -0.37
C TYR A 10 9.92 -1.64 0.17
N ALA A 11 9.67 -0.34 0.01
CA ALA A 11 8.47 0.31 0.53
C ALA A 11 7.22 -0.32 -0.03
N ALA A 12 7.25 -0.65 -1.31
CA ALA A 12 6.10 -1.26 -1.98
C ALA A 12 5.74 -2.59 -1.33
N LYS A 13 6.76 -3.41 -1.06
CA LYS A 13 6.56 -4.72 -0.46
C LYS A 13 5.99 -4.56 0.95
N LYS A 14 6.46 -3.53 1.63
CA LYS A 14 6.00 -3.18 2.95
C LYS A 14 4.54 -2.80 2.92
N VAL A 15 4.17 -1.88 2.03
CA VAL A 15 2.78 -1.45 1.86
C VAL A 15 1.88 -2.66 1.62
N ILE A 16 2.31 -3.54 0.69
CA ILE A 16 1.55 -4.74 0.32
C ILE A 16 1.21 -5.58 1.55
N ASP A 17 2.19 -5.79 2.39
CA ASP A 17 2.00 -6.60 3.59
C ASP A 17 1.01 -5.94 4.52
N ILE A 18 1.13 -4.67 4.70
CA ILE A 18 0.30 -3.93 5.63
C ILE A 18 -1.15 -3.84 5.11
N ILE A 19 -1.32 -3.44 3.87
CA ILE A 19 -2.67 -3.34 3.28
C ILE A 19 -3.35 -4.72 3.22
N ASN A 20 -2.56 -5.77 3.11
CA ASN A 20 -3.07 -7.12 3.02
C ASN A 20 -3.55 -7.57 4.40
N THR A 21 -2.82 -7.17 5.42
CA THR A 21 -3.08 -7.57 6.79
C THR A 21 -4.13 -6.69 7.49
N GLY A 22 -3.99 -5.40 7.34
CA GLY A 22 -4.84 -4.45 8.01
C GLY A 22 -6.26 -4.45 7.51
N SER A 23 -7.16 -4.24 8.42
CA SER A 23 -8.56 -4.21 8.14
C SER A 23 -9.05 -2.80 7.86
N ALA A 24 -9.17 -2.01 8.93
CA ALA A 24 -9.68 -0.65 8.86
C ALA A 24 -8.72 0.29 8.15
N VAL A 25 -9.27 1.12 7.29
CA VAL A 25 -8.51 2.05 6.48
C VAL A 25 -7.61 2.95 7.33
N ALA A 26 -8.20 3.61 8.33
CA ALA A 26 -7.45 4.51 9.22
C ALA A 26 -6.35 3.77 9.95
N THR A 27 -6.59 2.50 10.25
CA THR A 27 -5.63 1.71 10.94
C THR A 27 -4.43 1.45 10.02
N ILE A 28 -4.75 1.14 8.77
CA ILE A 28 -3.74 0.85 7.76
C ILE A 28 -2.93 2.09 7.44
N ILE A 29 -3.61 3.21 7.19
CA ILE A 29 -2.94 4.48 6.85
C ILE A 29 -1.85 4.82 7.86
N ALA A 30 -2.20 4.74 9.13
CA ALA A 30 -1.28 5.06 10.19
C ALA A 30 -0.10 4.09 10.20
N LEU A 31 -0.38 2.83 9.89
CA LEU A 31 0.65 1.80 9.88
C LEU A 31 1.60 2.00 8.70
N VAL A 32 1.04 2.19 7.51
CA VAL A 32 1.86 2.33 6.31
C VAL A 32 2.69 3.59 6.41
N THR A 33 2.08 4.67 6.88
CA THR A 33 2.75 5.95 7.03
C THR A 33 3.93 5.86 8.03
N ALA A 34 3.80 4.99 9.03
CA ALA A 34 4.84 4.82 10.02
C ALA A 34 6.03 4.05 9.42
N VAL A 35 5.73 3.16 8.48
CA VAL A 35 6.75 2.32 7.88
C VAL A 35 7.39 2.99 6.65
N VAL A 36 6.61 3.69 5.86
CA VAL A 36 7.16 4.34 4.67
C VAL A 36 7.70 5.72 4.99
N GLY A 37 7.25 6.28 6.12
CA GLY A 37 7.73 7.58 6.54
C GLY A 37 7.28 8.67 5.64
N GLY A 38 6.04 8.62 5.30
CA GLY A 38 5.47 9.60 4.44
C GLY A 38 3.98 9.43 4.35
N GLY A 39 3.29 10.47 3.97
CA GLY A 39 1.86 10.46 3.92
C GLY A 39 1.39 10.16 2.53
N LEU A 40 2.15 9.33 1.89
CA LEU A 40 1.90 8.90 0.53
C LEU A 40 0.68 8.00 0.45
N ILE A 41 0.72 6.92 1.19
CA ILE A 41 -0.36 5.98 1.18
C ILE A 41 -1.49 6.48 2.07
N THR A 42 -2.41 7.15 1.45
CA THR A 42 -3.58 7.68 2.12
C THR A 42 -4.74 6.72 1.92
N ALA A 43 -5.94 7.11 2.37
CA ALA A 43 -7.14 6.27 2.25
C ALA A 43 -7.37 5.84 0.81
N GLY A 44 -7.13 6.78 -0.09
CA GLY A 44 -7.30 6.52 -1.50
C GLY A 44 -6.32 5.49 -1.99
N ILE A 45 -5.11 5.53 -1.49
CA ILE A 45 -4.12 4.59 -1.92
C ILE A 45 -4.39 3.23 -1.29
N VAL A 46 -4.73 3.23 0.00
CA VAL A 46 -5.05 2.01 0.74
C VAL A 46 -6.18 1.22 0.06
N ALA A 47 -7.30 1.90 -0.16
CA ALA A 47 -8.48 1.26 -0.75
C ALA A 47 -8.18 0.73 -2.13
N THR A 48 -7.49 1.53 -2.92
CA THR A 48 -7.14 1.13 -4.25
C THR A 48 -6.17 -0.06 -4.23
N ALA A 49 -5.09 0.07 -3.47
CA ALA A 49 -4.05 -0.93 -3.41
C ALA A 49 -4.58 -2.28 -2.97
N LYS A 50 -5.37 -2.34 -1.90
CA LYS A 50 -5.90 -3.62 -1.48
C LYS A 50 -6.96 -4.16 -2.44
N SER A 51 -7.59 -3.28 -3.19
CA SER A 51 -8.53 -3.74 -4.16
C SER A 51 -7.75 -4.39 -5.29
N LEU A 52 -6.67 -3.73 -5.72
CA LEU A 52 -5.81 -4.22 -6.78
C LEU A 52 -5.23 -5.58 -6.44
N ILE A 53 -4.83 -5.78 -5.19
CA ILE A 53 -4.24 -7.06 -4.78
C ILE A 53 -5.27 -8.17 -4.78
N LYS A 54 -6.53 -7.82 -4.53
CA LYS A 54 -7.55 -8.82 -4.50
C LYS A 54 -8.02 -9.21 -5.92
N LYS A 55 -7.88 -8.30 -6.86
CA LYS A 55 -8.32 -8.55 -8.24
C LYS A 55 -7.18 -8.97 -9.15
N TYR A 56 -6.17 -8.15 -9.20
CA TYR A 56 -5.07 -8.34 -10.11
C TYR A 56 -3.96 -9.13 -9.45
N GLY A 57 -3.77 -8.91 -8.17
CA GLY A 57 -2.77 -9.62 -7.43
C GLY A 57 -1.85 -8.70 -6.68
N ALA A 58 -1.17 -9.22 -5.68
CA ALA A 58 -0.29 -8.42 -4.85
C ALA A 58 0.93 -7.93 -5.62
N LYS A 59 1.35 -8.73 -6.58
CA LYS A 59 2.48 -8.38 -7.41
C LYS A 59 2.13 -7.19 -8.31
N TYR A 60 0.86 -7.12 -8.72
CA TYR A 60 0.41 -6.05 -9.57
C TYR A 60 0.49 -4.74 -8.82
N ALA A 61 -0.05 -4.76 -7.61
CA ALA A 61 -0.10 -3.58 -6.80
C ALA A 61 1.27 -3.12 -6.39
N ALA A 62 2.18 -4.06 -6.21
CA ALA A 62 3.55 -3.73 -5.86
C ALA A 62 4.18 -2.87 -6.95
N ALA A 63 3.93 -3.25 -8.20
CA ALA A 63 4.40 -2.51 -9.34
C ALA A 63 3.66 -1.17 -9.45
N TRP A 64 2.35 -1.21 -9.17
CA TRP A 64 1.48 -0.03 -9.22
C TRP A 64 1.92 1.01 -8.20
N LEU A 1 2.15 0.64 -6.83
CA LEU A 1 2.49 1.50 -5.71
C LEU A 1 3.79 2.21 -6.00
N THR A 2 4.76 1.43 -6.40
CA THR A 2 6.09 1.92 -6.71
C THR A 2 6.03 3.00 -7.78
N ALA A 3 5.32 2.69 -8.85
CA ALA A 3 5.21 3.57 -10.01
C ALA A 3 4.51 4.89 -9.71
N ASN A 4 3.43 4.82 -8.98
CA ASN A 4 2.61 6.00 -8.70
C ASN A 4 3.17 6.81 -7.56
N LEU A 5 3.50 6.15 -6.46
CA LEU A 5 3.97 6.84 -5.28
C LEU A 5 5.42 7.23 -5.45
N GLY A 6 6.14 6.46 -6.26
CA GLY A 6 7.52 6.77 -6.53
C GLY A 6 8.36 6.29 -5.39
N ILE A 7 8.05 5.12 -4.91
CA ILE A 7 8.73 4.56 -3.75
C ILE A 7 9.61 3.41 -4.18
N SER A 8 10.32 2.85 -3.24
CA SER A 8 11.19 1.75 -3.52
C SER A 8 10.38 0.45 -3.63
N SER A 9 10.96 -0.55 -4.27
CA SER A 9 10.33 -1.84 -4.41
C SER A 9 10.22 -2.50 -3.01
N TYR A 10 11.18 -2.19 -2.15
CA TYR A 10 11.25 -2.69 -0.79
C TYR A 10 10.03 -2.18 -0.02
N ALA A 11 9.86 -0.86 0.00
CA ALA A 11 8.77 -0.21 0.73
C ALA A 11 7.43 -0.63 0.18
N ALA A 12 7.35 -0.75 -1.14
CA ALA A 12 6.10 -1.14 -1.79
C ALA A 12 5.63 -2.51 -1.32
N LYS A 13 6.58 -3.43 -1.18
CA LYS A 13 6.27 -4.79 -0.75
C LYS A 13 5.76 -4.76 0.68
N LYS A 14 6.34 -3.87 1.45
CA LYS A 14 5.96 -3.69 2.83
C LYS A 14 4.58 -3.09 2.94
N VAL A 15 4.30 -2.08 2.10
CA VAL A 15 2.95 -1.49 1.99
C VAL A 15 1.93 -2.58 1.72
N ILE A 16 2.28 -3.47 0.78
CA ILE A 16 1.45 -4.62 0.40
C ILE A 16 1.09 -5.46 1.62
N ASP A 17 2.08 -5.75 2.43
CA ASP A 17 1.86 -6.55 3.62
C ASP A 17 0.87 -5.88 4.54
N ILE A 18 1.08 -4.61 4.78
CA ILE A 18 0.25 -3.84 5.70
C ILE A 18 -1.20 -3.72 5.19
N ILE A 19 -1.36 -3.28 3.93
CA ILE A 19 -2.70 -3.14 3.35
C ILE A 19 -3.45 -4.48 3.27
N ASN A 20 -2.70 -5.56 3.18
CA ASN A 20 -3.28 -6.88 3.07
C ASN A 20 -3.67 -7.40 4.47
N THR A 21 -2.85 -7.10 5.45
CA THR A 21 -3.06 -7.57 6.80
C THR A 21 -4.10 -6.73 7.56
N GLY A 22 -3.99 -5.42 7.44
CA GLY A 22 -4.83 -4.52 8.16
C GLY A 22 -6.28 -4.49 7.70
N SER A 23 -7.14 -4.26 8.66
CA SER A 23 -8.55 -4.21 8.43
C SER A 23 -9.01 -2.78 8.21
N ALA A 24 -9.06 -2.01 9.28
CA ALA A 24 -9.51 -0.63 9.22
C ALA A 24 -8.55 0.19 8.41
N VAL A 25 -9.08 0.88 7.42
CA VAL A 25 -8.30 1.70 6.50
C VAL A 25 -7.46 2.72 7.25
N ALA A 26 -8.07 3.39 8.22
CA ALA A 26 -7.36 4.38 9.03
C ALA A 26 -6.19 3.74 9.78
N THR A 27 -6.36 2.50 10.19
CA THR A 27 -5.36 1.77 10.92
C THR A 27 -4.19 1.43 9.99
N ILE A 28 -4.52 1.11 8.75
CA ILE A 28 -3.55 0.79 7.74
C ILE A 28 -2.75 2.02 7.38
N ILE A 29 -3.44 3.12 7.07
CA ILE A 29 -2.78 4.39 6.70
C ILE A 29 -1.71 4.77 7.72
N ALA A 30 -2.06 4.59 8.99
CA ALA A 30 -1.18 4.94 10.08
C ALA A 30 0.06 4.07 10.07
N LEU A 31 -0.13 2.79 9.84
CA LEU A 31 0.98 1.85 9.82
C LEU A 31 1.85 2.06 8.60
N VAL A 32 1.23 2.24 7.45
CA VAL A 32 1.95 2.43 6.20
C VAL A 32 2.76 3.72 6.26
N THR A 33 2.17 4.77 6.81
CA THR A 33 2.83 6.05 6.96
C THR A 33 4.06 5.93 7.85
N ALA A 34 3.96 5.09 8.89
CA ALA A 34 5.05 4.92 9.83
C ALA A 34 6.22 4.18 9.20
N VAL A 35 5.91 3.32 8.25
CA VAL A 35 6.92 2.52 7.59
C VAL A 35 7.54 3.27 6.42
N VAL A 36 6.73 3.93 5.61
CA VAL A 36 7.26 4.60 4.43
C VAL A 36 7.78 6.00 4.74
N GLY A 37 7.28 6.58 5.83
CA GLY A 37 7.69 7.93 6.23
C GLY A 37 7.34 8.96 5.19
N GLY A 38 6.24 8.74 4.54
CA GLY A 38 5.83 9.60 3.46
C GLY A 38 4.40 10.04 3.57
N GLY A 39 3.55 9.16 4.09
CA GLY A 39 2.14 9.50 4.25
C GLY A 39 1.35 9.41 2.96
N LEU A 40 2.09 9.23 1.87
CA LEU A 40 1.59 9.10 0.50
C LEU A 40 0.44 8.10 0.39
N ILE A 41 0.56 7.00 1.10
CA ILE A 41 -0.48 6.01 1.09
C ILE A 41 -1.61 6.49 1.99
N THR A 42 -2.56 7.10 1.35
CA THR A 42 -3.71 7.64 1.98
C THR A 42 -4.87 6.65 1.87
N ALA A 43 -6.05 7.06 2.32
CA ALA A 43 -7.24 6.21 2.30
C ALA A 43 -7.57 5.77 0.87
N GLY A 44 -7.34 6.66 -0.06
CA GLY A 44 -7.57 6.38 -1.45
C GLY A 44 -6.60 5.36 -1.98
N ILE A 45 -5.35 5.44 -1.53
CA ILE A 45 -4.34 4.52 -2.00
C ILE A 45 -4.57 3.15 -1.39
N VAL A 46 -4.85 3.12 -0.09
CA VAL A 46 -5.14 1.87 0.63
C VAL A 46 -6.30 1.12 -0.04
N ALA A 47 -7.39 1.84 -0.29
CA ALA A 47 -8.59 1.27 -0.90
C ALA A 47 -8.32 0.75 -2.31
N THR A 48 -7.61 1.55 -3.09
CA THR A 48 -7.27 1.17 -4.45
C THR A 48 -6.34 -0.05 -4.46
N ALA A 49 -5.30 0.00 -3.64
CA ALA A 49 -4.34 -1.07 -3.55
C ALA A 49 -5.00 -2.38 -3.10
N LYS A 50 -5.90 -2.30 -2.11
CA LYS A 50 -6.67 -3.48 -1.67
C LYS A 50 -7.47 -4.07 -2.84
N SER A 51 -7.99 -3.20 -3.67
CA SER A 51 -8.81 -3.63 -4.76
C SER A 51 -7.93 -4.25 -5.86
N LEU A 52 -6.76 -3.66 -6.09
CA LEU A 52 -5.83 -4.16 -7.10
C LEU A 52 -5.29 -5.54 -6.68
N ILE A 53 -4.97 -5.70 -5.39
CA ILE A 53 -4.44 -6.98 -4.91
C ILE A 53 -5.52 -8.06 -4.94
N LYS A 54 -6.77 -7.64 -4.86
CA LYS A 54 -7.89 -8.53 -4.89
C LYS A 54 -8.11 -9.11 -6.30
N LYS A 55 -7.89 -8.27 -7.32
CA LYS A 55 -8.06 -8.72 -8.70
C LYS A 55 -6.78 -9.16 -9.35
N TYR A 56 -5.82 -8.28 -9.41
CA TYR A 56 -4.59 -8.50 -10.14
C TYR A 56 -3.56 -9.20 -9.27
N GLY A 57 -3.55 -8.88 -8.01
CA GLY A 57 -2.65 -9.53 -7.10
C GLY A 57 -1.75 -8.57 -6.38
N ALA A 58 -1.12 -9.07 -5.33
CA ALA A 58 -0.24 -8.30 -4.48
C ALA A 58 1.00 -7.81 -5.22
N LYS A 59 1.48 -8.60 -6.15
CA LYS A 59 2.67 -8.26 -6.91
C LYS A 59 2.36 -7.13 -7.91
N TYR A 60 1.13 -7.08 -8.39
CA TYR A 60 0.71 -6.05 -9.32
C TYR A 60 0.71 -4.72 -8.61
N ALA A 61 0.10 -4.72 -7.45
CA ALA A 61 -0.02 -3.52 -6.68
C ALA A 61 1.31 -3.03 -6.20
N ALA A 62 2.23 -3.96 -5.92
CA ALA A 62 3.58 -3.58 -5.51
C ALA A 62 4.24 -2.73 -6.59
N ALA A 63 4.05 -3.14 -7.83
CA ALA A 63 4.56 -2.40 -8.98
C ALA A 63 3.82 -1.07 -9.11
N TRP A 64 2.50 -1.14 -9.02
CA TRP A 64 1.63 0.03 -9.12
C TRP A 64 1.99 1.09 -8.07
N LEU A 1 2.21 0.49 -6.81
CA LEU A 1 2.60 1.37 -5.72
C LEU A 1 3.89 2.05 -6.04
N THR A 2 4.85 1.26 -6.44
CA THR A 2 6.17 1.74 -6.76
C THR A 2 6.13 2.81 -7.85
N ALA A 3 5.35 2.54 -8.87
CA ALA A 3 5.21 3.43 -10.01
C ALA A 3 4.51 4.74 -9.65
N ASN A 4 3.47 4.64 -8.86
CA ASN A 4 2.61 5.77 -8.56
C ASN A 4 3.10 6.59 -7.41
N LEU A 5 3.81 5.97 -6.52
CA LEU A 5 4.32 6.67 -5.37
C LEU A 5 5.78 7.07 -5.58
N GLY A 6 6.48 6.30 -6.39
CA GLY A 6 7.87 6.61 -6.67
C GLY A 6 8.73 6.11 -5.55
N ILE A 7 8.41 4.93 -5.10
CA ILE A 7 9.10 4.35 -3.97
C ILE A 7 9.95 3.17 -4.39
N SER A 8 10.64 2.61 -3.45
CA SER A 8 11.45 1.45 -3.67
C SER A 8 10.56 0.22 -3.70
N SER A 9 11.02 -0.82 -4.37
CA SER A 9 10.30 -2.07 -4.45
C SER A 9 10.16 -2.68 -3.05
N TYR A 10 11.16 -2.44 -2.21
CA TYR A 10 11.17 -2.92 -0.84
C TYR A 10 10.03 -2.25 -0.06
N ALA A 11 9.95 -0.92 -0.16
CA ALA A 11 8.89 -0.16 0.52
C ALA A 11 7.53 -0.59 0.05
N ALA A 12 7.40 -0.84 -1.24
CA ALA A 12 6.15 -1.29 -1.82
C ALA A 12 5.74 -2.62 -1.20
N LYS A 13 6.71 -3.51 -1.03
CA LYS A 13 6.47 -4.83 -0.44
C LYS A 13 5.99 -4.67 1.00
N LYS A 14 6.58 -3.70 1.68
CA LYS A 14 6.22 -3.36 3.04
C LYS A 14 4.77 -2.89 3.09
N VAL A 15 4.43 -1.96 2.20
CA VAL A 15 3.05 -1.47 2.06
C VAL A 15 2.11 -2.64 1.81
N ILE A 16 2.49 -3.53 0.88
CA ILE A 16 1.69 -4.72 0.53
C ILE A 16 1.41 -5.55 1.76
N ASP A 17 2.44 -5.77 2.53
CA ASP A 17 2.35 -6.54 3.76
C ASP A 17 1.33 -5.95 4.70
N ILE A 18 1.35 -4.66 4.81
CA ILE A 18 0.46 -3.98 5.73
C ILE A 18 -0.97 -3.93 5.18
N ILE A 19 -1.13 -3.51 3.92
CA ILE A 19 -2.47 -3.45 3.32
C ILE A 19 -3.11 -4.83 3.22
N ASN A 20 -2.31 -5.87 3.13
CA ASN A 20 -2.84 -7.22 3.04
C ASN A 20 -3.29 -7.70 4.42
N THR A 21 -2.53 -7.36 5.43
CA THR A 21 -2.82 -7.80 6.77
C THR A 21 -3.93 -6.97 7.44
N GLY A 22 -3.81 -5.67 7.29
CA GLY A 22 -4.68 -4.73 7.94
C GLY A 22 -6.11 -4.77 7.49
N SER A 23 -6.98 -4.58 8.44
CA SER A 23 -8.38 -4.59 8.25
C SER A 23 -8.91 -3.16 8.09
N ALA A 24 -8.95 -2.45 9.19
CA ALA A 24 -9.45 -1.09 9.21
C ALA A 24 -8.53 -0.16 8.44
N VAL A 25 -9.11 0.63 7.55
CA VAL A 25 -8.37 1.55 6.69
C VAL A 25 -7.51 2.50 7.52
N ALA A 26 -8.10 3.06 8.57
CA ALA A 26 -7.40 3.98 9.46
C ALA A 26 -6.20 3.31 10.12
N THR A 27 -6.34 2.03 10.41
CA THR A 27 -5.30 1.27 11.03
C THR A 27 -4.16 1.03 10.03
N ILE A 28 -4.53 0.74 8.80
CA ILE A 28 -3.59 0.50 7.74
C ILE A 28 -2.80 1.75 7.46
N ILE A 29 -3.50 2.87 7.26
CA ILE A 29 -2.87 4.16 6.98
C ILE A 29 -1.80 4.49 8.03
N ALA A 30 -2.12 4.23 9.29
CA ALA A 30 -1.21 4.53 10.37
C ALA A 30 0.05 3.68 10.28
N LEU A 31 -0.11 2.43 9.92
CA LEU A 31 1.03 1.52 9.83
C LEU A 31 1.87 1.79 8.58
N VAL A 32 1.20 2.04 7.47
CA VAL A 32 1.91 2.31 6.22
C VAL A 32 2.67 3.63 6.35
N THR A 33 2.03 4.62 6.97
CA THR A 33 2.65 5.92 7.21
C THR A 33 3.86 5.77 8.16
N ALA A 34 3.81 4.78 9.04
CA ALA A 34 4.90 4.52 9.97
C ALA A 34 6.13 4.01 9.22
N VAL A 35 5.89 3.35 8.10
CA VAL A 35 6.97 2.86 7.27
C VAL A 35 7.42 3.88 6.21
N VAL A 36 6.47 4.43 5.47
CA VAL A 36 6.82 5.29 4.33
C VAL A 36 6.96 6.77 4.68
N GLY A 37 6.65 7.13 5.89
CA GLY A 37 6.78 8.51 6.29
C GLY A 37 5.46 9.22 6.29
N GLY A 38 4.80 9.18 5.19
CA GLY A 38 3.50 9.78 5.06
C GLY A 38 3.32 10.50 3.75
N GLY A 39 2.09 10.82 3.42
CA GLY A 39 1.78 11.62 2.24
C GLY A 39 1.67 10.79 0.99
N LEU A 40 2.19 9.61 1.05
CA LEU A 40 2.16 8.70 -0.06
C LEU A 40 0.91 7.85 -0.04
N ILE A 41 0.92 6.84 0.80
CA ILE A 41 -0.21 5.97 0.89
C ILE A 41 -1.24 6.60 1.78
N THR A 42 -2.17 7.22 1.14
CA THR A 42 -3.26 7.87 1.77
C THR A 42 -4.46 6.92 1.75
N ALA A 43 -5.60 7.39 2.24
CA ALA A 43 -6.83 6.57 2.28
C ALA A 43 -7.18 6.07 0.88
N GLY A 44 -7.00 6.94 -0.09
CA GLY A 44 -7.27 6.62 -1.46
C GLY A 44 -6.34 5.57 -2.00
N ILE A 45 -5.08 5.62 -1.58
CA ILE A 45 -4.11 4.67 -2.05
C ILE A 45 -4.39 3.31 -1.43
N VAL A 46 -4.73 3.32 -0.13
CA VAL A 46 -5.09 2.09 0.58
C VAL A 46 -6.28 1.42 -0.11
N ALA A 47 -7.33 2.20 -0.34
CA ALA A 47 -8.55 1.71 -0.97
C ALA A 47 -8.29 1.19 -2.39
N THR A 48 -7.48 1.92 -3.14
CA THR A 48 -7.14 1.52 -4.49
C THR A 48 -6.32 0.21 -4.48
N ALA A 49 -5.28 0.18 -3.65
CA ALA A 49 -4.41 -0.97 -3.54
C ALA A 49 -5.18 -2.20 -3.09
N LYS A 50 -6.12 -2.00 -2.15
CA LYS A 50 -7.02 -3.07 -1.69
C LYS A 50 -7.78 -3.69 -2.86
N SER A 51 -8.23 -2.85 -3.76
CA SER A 51 -8.96 -3.32 -4.89
C SER A 51 -8.02 -4.03 -5.85
N LEU A 52 -6.86 -3.43 -6.11
CA LEU A 52 -5.89 -3.97 -7.03
C LEU A 52 -5.37 -5.33 -6.57
N ILE A 53 -5.14 -5.49 -5.26
CA ILE A 53 -4.68 -6.77 -4.74
C ILE A 53 -5.79 -7.80 -4.81
N LYS A 54 -7.03 -7.34 -4.76
CA LYS A 54 -8.15 -8.23 -4.83
C LYS A 54 -8.35 -8.73 -6.28
N LYS A 55 -8.24 -7.83 -7.24
CA LYS A 55 -8.44 -8.20 -8.65
C LYS A 55 -7.18 -8.76 -9.31
N TYR A 56 -6.13 -7.98 -9.28
CA TYR A 56 -4.92 -8.32 -9.98
C TYR A 56 -3.98 -9.09 -9.08
N GLY A 57 -3.84 -8.64 -7.86
CA GLY A 57 -3.00 -9.33 -6.92
C GLY A 57 -1.97 -8.43 -6.24
N ALA A 58 -1.32 -9.01 -5.26
CA ALA A 58 -0.34 -8.32 -4.42
C ALA A 58 0.95 -7.97 -5.16
N LYS A 59 1.28 -8.74 -6.17
CA LYS A 59 2.47 -8.47 -6.94
C LYS A 59 2.23 -7.28 -7.87
N TYR A 60 1.00 -7.18 -8.34
CA TYR A 60 0.59 -6.13 -9.23
C TYR A 60 0.66 -4.82 -8.49
N ALA A 61 0.06 -4.81 -7.33
CA ALA A 61 -0.02 -3.62 -6.53
C ALA A 61 1.33 -3.15 -6.10
N ALA A 62 2.25 -4.09 -5.89
CA ALA A 62 3.61 -3.75 -5.51
C ALA A 62 4.27 -2.90 -6.61
N ALA A 63 4.08 -3.33 -7.84
CA ALA A 63 4.61 -2.60 -8.98
C ALA A 63 3.86 -1.28 -9.16
N TRP A 64 2.55 -1.33 -8.99
CA TRP A 64 1.68 -0.15 -9.11
C TRP A 64 2.08 0.91 -8.08
N LEU A 1 2.40 0.53 -6.95
CA LEU A 1 2.83 1.39 -5.87
C LEU A 1 4.16 2.03 -6.21
N THR A 2 5.14 1.20 -6.52
CA THR A 2 6.46 1.66 -6.88
C THR A 2 6.42 2.63 -8.06
N ALA A 3 5.65 2.28 -9.07
CA ALA A 3 5.53 3.07 -10.28
C ALA A 3 4.91 4.45 -10.03
N ASN A 4 3.77 4.47 -9.36
CA ASN A 4 3.00 5.69 -9.19
C ASN A 4 3.50 6.56 -8.06
N LEU A 5 3.99 5.94 -7.02
CA LEU A 5 4.48 6.71 -5.90
C LEU A 5 5.93 7.05 -6.11
N GLY A 6 6.63 6.21 -6.87
CA GLY A 6 8.03 6.46 -7.10
C GLY A 6 8.82 6.06 -5.90
N ILE A 7 8.46 4.93 -5.35
CA ILE A 7 9.09 4.44 -4.14
C ILE A 7 9.85 3.19 -4.42
N SER A 8 10.58 2.72 -3.45
CA SER A 8 11.33 1.51 -3.59
C SER A 8 10.39 0.30 -3.58
N SER A 9 10.84 -0.81 -4.11
CA SER A 9 10.07 -2.01 -4.12
C SER A 9 9.99 -2.61 -2.71
N TYR A 10 10.94 -2.22 -1.85
CA TYR A 10 10.95 -2.63 -0.46
C TYR A 10 9.74 -2.02 0.22
N ALA A 11 9.62 -0.70 0.08
CA ALA A 11 8.52 0.05 0.67
C ALA A 11 7.20 -0.45 0.12
N ALA A 12 7.19 -0.79 -1.16
CA ALA A 12 6.00 -1.33 -1.80
C ALA A 12 5.56 -2.63 -1.14
N LYS A 13 6.52 -3.53 -0.91
CA LYS A 13 6.22 -4.82 -0.27
C LYS A 13 5.70 -4.59 1.13
N LYS A 14 6.31 -3.64 1.82
CA LYS A 14 5.87 -3.24 3.14
C LYS A 14 4.42 -2.83 3.11
N VAL A 15 4.08 -1.91 2.20
CA VAL A 15 2.70 -1.45 2.01
C VAL A 15 1.79 -2.63 1.75
N ILE A 16 2.20 -3.50 0.82
CA ILE A 16 1.43 -4.70 0.44
C ILE A 16 1.12 -5.55 1.64
N ASP A 17 2.12 -5.84 2.42
CA ASP A 17 1.93 -6.68 3.59
C ASP A 17 1.00 -6.03 4.59
N ILE A 18 1.12 -4.73 4.76
CA ILE A 18 0.28 -4.00 5.71
C ILE A 18 -1.16 -3.94 5.22
N ILE A 19 -1.37 -3.49 3.98
CA ILE A 19 -2.72 -3.41 3.40
C ILE A 19 -3.38 -4.80 3.32
N ASN A 20 -2.55 -5.84 3.27
CA ASN A 20 -3.03 -7.20 3.17
C ASN A 20 -3.43 -7.73 4.55
N THR A 21 -2.78 -7.21 5.58
CA THR A 21 -3.00 -7.67 6.94
C THR A 21 -4.03 -6.83 7.69
N GLY A 22 -3.93 -5.52 7.55
CA GLY A 22 -4.76 -4.59 8.25
C GLY A 22 -6.20 -4.61 7.83
N SER A 23 -7.06 -4.31 8.75
CA SER A 23 -8.47 -4.31 8.53
C SER A 23 -8.98 -2.90 8.25
N ALA A 24 -9.12 -2.11 9.30
CA ALA A 24 -9.59 -0.75 9.21
C ALA A 24 -8.59 0.11 8.47
N VAL A 25 -9.09 1.02 7.65
CA VAL A 25 -8.24 1.90 6.86
C VAL A 25 -7.31 2.71 7.76
N ALA A 26 -7.86 3.24 8.84
CA ALA A 26 -7.11 4.04 9.81
C ALA A 26 -5.97 3.24 10.45
N THR A 27 -6.17 1.96 10.59
CA THR A 27 -5.16 1.09 11.18
C THR A 27 -4.00 0.94 10.18
N ILE A 28 -4.38 0.71 8.94
CA ILE A 28 -3.45 0.53 7.87
C ILE A 28 -2.66 1.81 7.65
N ILE A 29 -3.38 2.93 7.54
CA ILE A 29 -2.76 4.26 7.37
C ILE A 29 -1.66 4.50 8.39
N ALA A 30 -1.91 4.16 9.65
CA ALA A 30 -0.96 4.38 10.71
C ALA A 30 0.30 3.55 10.51
N LEU A 31 0.11 2.33 10.08
CA LEU A 31 1.23 1.43 9.90
C LEU A 31 2.02 1.78 8.64
N VAL A 32 1.31 2.04 7.54
CA VAL A 32 1.96 2.34 6.29
C VAL A 32 2.70 3.67 6.40
N THR A 33 2.11 4.62 7.10
CA THR A 33 2.73 5.92 7.31
C THR A 33 4.02 5.77 8.16
N ALA A 34 4.00 4.81 9.08
CA ALA A 34 5.18 4.54 9.90
C ALA A 34 6.31 4.00 9.04
N VAL A 35 5.95 3.40 7.93
CA VAL A 35 6.93 2.87 7.01
C VAL A 35 7.34 3.90 5.95
N VAL A 36 6.36 4.42 5.23
CA VAL A 36 6.65 5.25 4.04
C VAL A 36 6.86 6.73 4.35
N GLY A 37 6.62 7.12 5.56
CA GLY A 37 6.82 8.50 5.93
C GLY A 37 5.52 9.20 6.13
N GLY A 38 4.69 9.10 5.14
CA GLY A 38 3.39 9.71 5.21
C GLY A 38 3.08 10.52 3.99
N GLY A 39 1.80 10.74 3.74
CA GLY A 39 1.35 11.59 2.65
C GLY A 39 1.29 10.86 1.34
N LEU A 40 1.96 9.74 1.30
CA LEU A 40 2.01 8.92 0.13
C LEU A 40 0.82 7.97 0.14
N ILE A 41 0.84 7.02 1.04
CA ILE A 41 -0.22 6.08 1.11
C ILE A 41 -1.33 6.69 1.93
N THR A 42 -2.27 7.23 1.24
CA THR A 42 -3.42 7.81 1.85
C THR A 42 -4.53 6.78 1.85
N ALA A 43 -5.66 7.12 2.42
CA ALA A 43 -6.82 6.24 2.47
C ALA A 43 -7.25 5.86 1.06
N GLY A 44 -7.07 6.79 0.14
CA GLY A 44 -7.37 6.55 -1.25
C GLY A 44 -6.44 5.53 -1.85
N ILE A 45 -5.19 5.53 -1.42
CA ILE A 45 -4.23 4.57 -1.93
C ILE A 45 -4.51 3.21 -1.33
N VAL A 46 -4.77 3.19 -0.03
CA VAL A 46 -5.10 1.95 0.70
C VAL A 46 -6.30 1.24 0.04
N ALA A 47 -7.34 2.01 -0.26
CA ALA A 47 -8.53 1.49 -0.91
C ALA A 47 -8.19 0.95 -2.30
N THR A 48 -7.48 1.75 -3.07
CA THR A 48 -7.08 1.38 -4.43
C THR A 48 -6.21 0.13 -4.42
N ALA A 49 -5.17 0.15 -3.61
CA ALA A 49 -4.20 -0.93 -3.53
C ALA A 49 -4.86 -2.25 -3.14
N LYS A 50 -5.75 -2.22 -2.15
CA LYS A 50 -6.46 -3.43 -1.74
C LYS A 50 -7.37 -3.94 -2.84
N SER A 51 -7.89 -3.04 -3.63
CA SER A 51 -8.75 -3.41 -4.72
C SER A 51 -7.92 -4.03 -5.84
N LEU A 52 -6.73 -3.48 -6.07
CA LEU A 52 -5.83 -3.98 -7.09
C LEU A 52 -5.33 -5.37 -6.73
N ILE A 53 -5.06 -5.62 -5.45
CA ILE A 53 -4.58 -6.93 -5.02
C ILE A 53 -5.71 -7.94 -5.06
N LYS A 54 -6.93 -7.46 -4.97
CA LYS A 54 -8.11 -8.30 -5.00
C LYS A 54 -8.32 -8.86 -6.42
N LYS A 55 -8.10 -8.03 -7.42
CA LYS A 55 -8.30 -8.43 -8.81
C LYS A 55 -7.02 -8.85 -9.52
N TYR A 56 -6.05 -7.99 -9.52
CA TYR A 56 -4.83 -8.22 -10.27
C TYR A 56 -3.81 -8.99 -9.44
N GLY A 57 -3.72 -8.67 -8.18
CA GLY A 57 -2.84 -9.39 -7.30
C GLY A 57 -1.89 -8.48 -6.57
N ALA A 58 -1.26 -9.03 -5.54
CA ALA A 58 -0.36 -8.28 -4.69
C ALA A 58 0.87 -7.79 -5.45
N LYS A 59 1.36 -8.61 -6.34
CA LYS A 59 2.56 -8.27 -7.12
C LYS A 59 2.28 -7.10 -8.06
N TYR A 60 1.04 -7.04 -8.57
CA TYR A 60 0.61 -5.97 -9.46
C TYR A 60 0.68 -4.67 -8.72
N ALA A 61 0.10 -4.69 -7.54
CA ALA A 61 0.02 -3.51 -6.73
C ALA A 61 1.38 -3.09 -6.26
N ALA A 62 2.23 -4.04 -5.95
CA ALA A 62 3.59 -3.75 -5.54
C ALA A 62 4.33 -2.97 -6.62
N ALA A 63 4.08 -3.34 -7.87
CA ALA A 63 4.67 -2.65 -9.00
C ALA A 63 3.98 -1.30 -9.18
N TRP A 64 2.65 -1.31 -9.08
CA TRP A 64 1.82 -0.11 -9.21
C TRP A 64 2.23 0.95 -8.19
N LEU A 1 2.16 0.65 -6.83
CA LEU A 1 2.56 1.52 -5.74
C LEU A 1 3.84 2.21 -6.08
N THR A 2 4.80 1.43 -6.49
CA THR A 2 6.11 1.92 -6.84
C THR A 2 6.02 2.97 -7.94
N ALA A 3 5.28 2.62 -8.98
CA ALA A 3 5.13 3.46 -10.16
C ALA A 3 4.43 4.78 -9.86
N ASN A 4 3.41 4.72 -9.05
CA ASN A 4 2.57 5.90 -8.80
C ASN A 4 3.07 6.73 -7.65
N LEU A 5 3.64 6.10 -6.66
CA LEU A 5 4.12 6.83 -5.50
C LEU A 5 5.56 7.25 -5.69
N GLY A 6 6.29 6.48 -6.48
CA GLY A 6 7.68 6.79 -6.69
C GLY A 6 8.49 6.29 -5.54
N ILE A 7 8.20 5.08 -5.14
CA ILE A 7 8.85 4.48 -3.99
C ILE A 7 9.68 3.30 -4.43
N SER A 8 10.37 2.72 -3.50
CA SER A 8 11.14 1.55 -3.78
C SER A 8 10.21 0.33 -3.77
N SER A 9 10.62 -0.73 -4.43
CA SER A 9 9.82 -1.92 -4.47
C SER A 9 9.85 -2.63 -3.12
N TYR A 10 10.90 -2.34 -2.34
CA TYR A 10 11.00 -2.84 -0.99
C TYR A 10 9.87 -2.23 -0.18
N ALA A 11 9.74 -0.90 -0.26
CA ALA A 11 8.70 -0.18 0.45
C ALA A 11 7.35 -0.64 -0.01
N ALA A 12 7.20 -0.79 -1.32
CA ALA A 12 5.94 -1.24 -1.90
C ALA A 12 5.56 -2.61 -1.36
N LYS A 13 6.54 -3.50 -1.30
CA LYS A 13 6.35 -4.85 -0.79
C LYS A 13 5.88 -4.80 0.67
N LYS A 14 6.48 -3.90 1.40
CA LYS A 14 6.14 -3.66 2.79
C LYS A 14 4.71 -3.13 2.92
N VAL A 15 4.36 -2.17 2.06
CA VAL A 15 2.99 -1.64 1.99
C VAL A 15 2.01 -2.78 1.73
N ILE A 16 2.38 -3.65 0.78
CA ILE A 16 1.57 -4.81 0.39
C ILE A 16 1.26 -5.67 1.60
N ASP A 17 2.27 -5.92 2.41
CA ASP A 17 2.10 -6.70 3.61
C ASP A 17 1.12 -6.05 4.55
N ILE A 18 1.23 -4.76 4.70
CA ILE A 18 0.39 -4.03 5.63
C ILE A 18 -1.07 -3.97 5.14
N ILE A 19 -1.26 -3.56 3.90
CA ILE A 19 -2.64 -3.49 3.32
C ILE A 19 -3.31 -4.87 3.26
N ASN A 20 -2.50 -5.93 3.22
CA ASN A 20 -2.99 -7.30 3.15
C ASN A 20 -3.35 -7.78 4.56
N THR A 21 -2.57 -7.35 5.54
CA THR A 21 -2.76 -7.76 6.92
C THR A 21 -3.82 -6.91 7.64
N GLY A 22 -3.70 -5.60 7.52
CA GLY A 22 -4.58 -4.70 8.19
C GLY A 22 -5.97 -4.74 7.62
N SER A 23 -6.92 -4.40 8.41
CA SER A 23 -8.29 -4.43 8.01
C SER A 23 -8.82 -3.03 7.70
N ALA A 24 -9.14 -2.27 8.75
CA ALA A 24 -9.69 -0.92 8.60
C ALA A 24 -8.71 0.00 7.92
N VAL A 25 -9.21 0.79 7.00
CA VAL A 25 -8.42 1.72 6.21
C VAL A 25 -7.59 2.64 7.10
N ALA A 26 -8.24 3.26 8.09
CA ALA A 26 -7.57 4.16 9.02
C ALA A 26 -6.44 3.46 9.77
N THR A 27 -6.64 2.19 10.06
CA THR A 27 -5.68 1.40 10.79
C THR A 27 -4.46 1.13 9.89
N ILE A 28 -4.73 0.81 8.64
CA ILE A 28 -3.71 0.55 7.67
C ILE A 28 -2.90 1.80 7.42
N ILE A 29 -3.57 2.94 7.23
CA ILE A 29 -2.90 4.21 6.99
C ILE A 29 -1.87 4.49 8.07
N ALA A 30 -2.23 4.25 9.31
CA ALA A 30 -1.35 4.52 10.44
C ALA A 30 -0.10 3.67 10.35
N LEU A 31 -0.30 2.42 9.99
CA LEU A 31 0.79 1.48 9.92
C LEU A 31 1.70 1.78 8.72
N VAL A 32 1.11 2.00 7.56
CA VAL A 32 1.88 2.24 6.35
C VAL A 32 2.64 3.57 6.47
N THR A 33 2.00 4.55 7.09
CA THR A 33 2.61 5.86 7.27
C THR A 33 3.80 5.77 8.25
N ALA A 34 3.75 4.84 9.16
CA ALA A 34 4.86 4.65 10.08
C ALA A 34 6.04 4.00 9.35
N VAL A 35 5.73 3.18 8.37
CA VAL A 35 6.74 2.43 7.65
C VAL A 35 7.37 3.23 6.50
N VAL A 36 6.55 3.90 5.70
CA VAL A 36 7.06 4.61 4.53
C VAL A 36 7.20 6.10 4.76
N GLY A 37 6.56 6.59 5.79
CA GLY A 37 6.51 8.00 6.02
C GLY A 37 5.16 8.49 5.61
N GLY A 38 4.98 9.76 5.56
CA GLY A 38 3.71 10.30 5.19
C GLY A 38 3.68 10.77 3.77
N GLY A 39 2.51 11.08 3.30
CA GLY A 39 2.38 11.67 2.01
C GLY A 39 2.16 10.68 0.93
N LEU A 40 2.64 9.51 1.14
CA LEU A 40 2.58 8.47 0.15
C LEU A 40 1.25 7.69 0.19
N ILE A 41 1.15 6.74 1.06
CA ILE A 41 -0.02 5.96 1.12
C ILE A 41 -1.08 6.64 1.96
N THR A 42 -1.97 7.27 1.27
CA THR A 42 -3.10 7.91 1.86
C THR A 42 -4.31 6.97 1.79
N ALA A 43 -5.47 7.40 2.28
CA ALA A 43 -6.69 6.58 2.27
C ALA A 43 -7.04 6.13 0.86
N GLY A 44 -6.84 7.04 -0.08
CA GLY A 44 -7.11 6.74 -1.46
C GLY A 44 -6.18 5.68 -1.99
N ILE A 45 -4.93 5.72 -1.57
CA ILE A 45 -3.98 4.75 -2.00
C ILE A 45 -4.29 3.40 -1.37
N VAL A 46 -4.63 3.41 -0.07
CA VAL A 46 -4.99 2.18 0.66
C VAL A 46 -6.17 1.47 0.00
N ALA A 47 -7.24 2.22 -0.24
CA ALA A 47 -8.45 1.69 -0.84
C ALA A 47 -8.16 1.09 -2.21
N THR A 48 -7.44 1.84 -3.02
CA THR A 48 -7.08 1.40 -4.34
C THR A 48 -6.18 0.15 -4.28
N ALA A 49 -5.12 0.23 -3.48
CA ALA A 49 -4.14 -0.84 -3.36
C ALA A 49 -4.78 -2.15 -2.90
N LYS A 50 -5.65 -2.08 -1.89
CA LYS A 50 -6.28 -3.30 -1.41
C LYS A 50 -7.24 -3.86 -2.47
N SER A 51 -7.80 -3.00 -3.29
CA SER A 51 -8.68 -3.45 -4.33
C SER A 51 -7.88 -4.10 -5.46
N LEU A 52 -6.70 -3.55 -5.74
CA LEU A 52 -5.83 -4.08 -6.77
C LEU A 52 -5.30 -5.45 -6.37
N ILE A 53 -4.95 -5.63 -5.11
CA ILE A 53 -4.44 -6.93 -4.65
C ILE A 53 -5.56 -7.97 -4.60
N LYS A 54 -6.80 -7.48 -4.45
CA LYS A 54 -7.94 -8.36 -4.39
C LYS A 54 -8.28 -8.92 -5.79
N LYS A 55 -7.98 -8.16 -6.83
CA LYS A 55 -8.22 -8.63 -8.21
C LYS A 55 -6.94 -9.05 -8.93
N TYR A 56 -6.02 -8.13 -9.05
CA TYR A 56 -4.83 -8.33 -9.85
C TYR A 56 -3.76 -9.05 -9.07
N GLY A 57 -3.67 -8.72 -7.81
CA GLY A 57 -2.75 -9.41 -6.95
C GLY A 57 -1.77 -8.51 -6.25
N ALA A 58 -1.09 -9.09 -5.29
CA ALA A 58 -0.12 -8.42 -4.45
C ALA A 58 1.09 -7.93 -5.24
N LYS A 59 1.49 -8.69 -6.23
CA LYS A 59 2.65 -8.33 -7.04
C LYS A 59 2.31 -7.14 -7.95
N TYR A 60 1.07 -7.08 -8.38
CA TYR A 60 0.59 -6.03 -9.26
C TYR A 60 0.65 -4.72 -8.55
N ALA A 61 0.07 -4.69 -7.38
CA ALA A 61 -0.04 -3.50 -6.60
C ALA A 61 1.32 -3.01 -6.17
N ALA A 62 2.25 -3.92 -5.94
CA ALA A 62 3.61 -3.54 -5.57
C ALA A 62 4.24 -2.70 -6.66
N ALA A 63 4.05 -3.12 -7.90
CA ALA A 63 4.55 -2.37 -9.03
C ALA A 63 3.77 -1.07 -9.20
N TRP A 64 2.46 -1.14 -8.99
CA TRP A 64 1.58 0.02 -9.09
C TRP A 64 1.97 1.08 -8.07
N LEU A 1 2.15 0.60 -7.05
CA LEU A 1 2.58 1.49 -5.98
C LEU A 1 3.88 2.15 -6.37
N THR A 2 4.83 1.32 -6.72
CA THR A 2 6.15 1.75 -7.08
C THR A 2 6.11 2.75 -8.24
N ALA A 3 5.36 2.38 -9.27
CA ALA A 3 5.21 3.17 -10.49
C ALA A 3 4.60 4.54 -10.23
N ASN A 4 3.53 4.57 -9.46
CA ASN A 4 2.77 5.80 -9.25
C ASN A 4 3.41 6.69 -8.22
N LEU A 5 3.86 6.12 -7.15
CA LEU A 5 4.42 6.87 -6.06
C LEU A 5 5.88 7.17 -6.31
N GLY A 6 6.53 6.30 -7.06
CA GLY A 6 7.93 6.50 -7.36
C GLY A 6 8.73 6.13 -6.16
N ILE A 7 8.40 5.00 -5.59
CA ILE A 7 9.01 4.57 -4.36
C ILE A 7 9.95 3.40 -4.57
N SER A 8 10.58 2.99 -3.51
CA SER A 8 11.47 1.89 -3.55
C SER A 8 10.69 0.58 -3.56
N SER A 9 11.30 -0.46 -4.10
CA SER A 9 10.70 -1.77 -4.16
C SER A 9 10.53 -2.31 -2.74
N TYR A 10 11.42 -1.89 -1.87
CA TYR A 10 11.39 -2.28 -0.48
C TYR A 10 10.15 -1.71 0.17
N ALA A 11 9.94 -0.40 0.01
CA ALA A 11 8.79 0.29 0.61
C ALA A 11 7.48 -0.24 0.08
N ALA A 12 7.42 -0.45 -1.23
CA ALA A 12 6.21 -0.97 -1.86
C ALA A 12 5.85 -2.34 -1.30
N LYS A 13 6.87 -3.16 -1.13
CA LYS A 13 6.71 -4.50 -0.62
C LYS A 13 6.21 -4.45 0.83
N LYS A 14 6.75 -3.51 1.59
CA LYS A 14 6.34 -3.25 2.97
C LYS A 14 4.84 -2.91 3.00
N VAL A 15 4.45 -1.95 2.17
CA VAL A 15 3.06 -1.51 2.04
C VAL A 15 2.13 -2.71 1.78
N ILE A 16 2.54 -3.54 0.81
CA ILE A 16 1.78 -4.73 0.41
C ILE A 16 1.44 -5.62 1.60
N ASP A 17 2.43 -5.88 2.43
CA ASP A 17 2.24 -6.76 3.57
C ASP A 17 1.22 -6.16 4.52
N ILE A 18 1.35 -4.89 4.75
CA ILE A 18 0.50 -4.18 5.69
C ILE A 18 -0.94 -4.07 5.17
N ILE A 19 -1.11 -3.63 3.93
CA ILE A 19 -2.45 -3.50 3.34
C ILE A 19 -3.16 -4.85 3.24
N ASN A 20 -2.39 -5.93 3.16
CA ASN A 20 -2.94 -7.29 3.06
C ASN A 20 -3.34 -7.80 4.46
N THR A 21 -2.58 -7.41 5.46
CA THR A 21 -2.78 -7.90 6.82
C THR A 21 -3.83 -7.10 7.57
N GLY A 22 -3.79 -5.79 7.41
CA GLY A 22 -4.70 -4.91 8.11
C GLY A 22 -6.12 -5.05 7.64
N SER A 23 -7.02 -4.50 8.41
CA SER A 23 -8.42 -4.57 8.10
C SER A 23 -8.95 -3.19 7.73
N ALA A 24 -9.15 -2.37 8.76
CA ALA A 24 -9.69 -1.04 8.61
C ALA A 24 -8.71 -0.14 7.89
N VAL A 25 -9.20 0.60 6.92
CA VAL A 25 -8.38 1.51 6.11
C VAL A 25 -7.59 2.48 6.96
N ALA A 26 -8.27 3.10 7.92
CA ALA A 26 -7.65 4.06 8.82
C ALA A 26 -6.49 3.43 9.61
N THR A 27 -6.69 2.18 9.98
CA THR A 27 -5.70 1.46 10.75
C THR A 27 -4.48 1.15 9.87
N ILE A 28 -4.75 0.77 8.63
CA ILE A 28 -3.72 0.46 7.69
C ILE A 28 -2.88 1.70 7.40
N ILE A 29 -3.55 2.84 7.15
CA ILE A 29 -2.87 4.11 6.87
C ILE A 29 -1.85 4.43 7.96
N ALA A 30 -2.25 4.23 9.20
CA ALA A 30 -1.40 4.53 10.33
C ALA A 30 -0.16 3.66 10.34
N LEU A 31 -0.33 2.40 10.00
CA LEU A 31 0.76 1.44 10.00
C LEU A 31 1.68 1.69 8.80
N VAL A 32 1.09 1.88 7.64
CA VAL A 32 1.85 2.09 6.43
C VAL A 32 2.66 3.38 6.57
N THR A 33 2.03 4.42 7.11
CA THR A 33 2.67 5.70 7.34
C THR A 33 3.82 5.57 8.35
N ALA A 34 3.69 4.63 9.28
CA ALA A 34 4.72 4.38 10.28
C ALA A 34 5.96 3.80 9.60
N VAL A 35 5.75 3.14 8.48
CA VAL A 35 6.85 2.57 7.72
C VAL A 35 7.34 3.51 6.59
N VAL A 36 6.43 4.00 5.77
CA VAL A 36 6.82 4.78 4.58
C VAL A 36 7.01 6.27 4.83
N GLY A 37 6.75 6.69 6.04
CA GLY A 37 6.93 8.07 6.38
C GLY A 37 5.64 8.82 6.41
N GLY A 38 4.96 8.78 5.31
CA GLY A 38 3.68 9.42 5.21
C GLY A 38 3.52 10.20 3.93
N GLY A 39 2.30 10.54 3.59
CA GLY A 39 2.03 11.36 2.43
C GLY A 39 1.89 10.53 1.17
N LEU A 40 2.45 9.37 1.22
CA LEU A 40 2.43 8.45 0.13
C LEU A 40 1.15 7.64 0.13
N ILE A 41 1.06 6.73 1.05
CA ILE A 41 -0.07 5.88 1.10
C ILE A 41 -1.14 6.55 1.92
N THR A 42 -2.03 7.18 1.23
CA THR A 42 -3.13 7.86 1.83
C THR A 42 -4.34 6.95 1.82
N ALA A 43 -5.47 7.44 2.33
CA ALA A 43 -6.73 6.70 2.37
C ALA A 43 -7.13 6.26 0.97
N GLY A 44 -6.86 7.12 0.02
CA GLY A 44 -7.16 6.83 -1.35
C GLY A 44 -6.27 5.75 -1.90
N ILE A 45 -5.01 5.73 -1.47
CA ILE A 45 -4.09 4.74 -1.97
C ILE A 45 -4.40 3.40 -1.35
N VAL A 46 -4.68 3.38 -0.05
CA VAL A 46 -5.02 2.14 0.65
C VAL A 46 -6.23 1.48 0.00
N ALA A 47 -7.30 2.26 -0.20
CA ALA A 47 -8.52 1.75 -0.81
C ALA A 47 -8.28 1.20 -2.21
N THR A 48 -7.48 1.93 -2.97
CA THR A 48 -7.16 1.51 -4.32
C THR A 48 -6.30 0.24 -4.29
N ALA A 49 -5.25 0.25 -3.48
CA ALA A 49 -4.32 -0.86 -3.37
C ALA A 49 -5.02 -2.12 -2.87
N LYS A 50 -5.91 -1.98 -1.88
CA LYS A 50 -6.70 -3.11 -1.38
C LYS A 50 -7.55 -3.70 -2.49
N SER A 51 -8.04 -2.85 -3.35
CA SER A 51 -8.85 -3.28 -4.45
C SER A 51 -7.99 -3.98 -5.50
N LEU A 52 -6.83 -3.41 -5.80
CA LEU A 52 -5.93 -3.98 -6.79
C LEU A 52 -5.43 -5.35 -6.35
N ILE A 53 -5.14 -5.52 -5.05
CA ILE A 53 -4.68 -6.81 -4.55
C ILE A 53 -5.81 -7.85 -4.55
N LYS A 54 -7.04 -7.37 -4.40
CA LYS A 54 -8.21 -8.23 -4.38
C LYS A 54 -8.46 -8.85 -5.76
N LYS A 55 -8.21 -8.08 -6.79
CA LYS A 55 -8.46 -8.53 -8.16
C LYS A 55 -7.22 -8.99 -8.90
N TYR A 56 -6.25 -8.15 -8.97
CA TYR A 56 -5.05 -8.41 -9.74
C TYR A 56 -4.04 -9.15 -8.89
N GLY A 57 -3.89 -8.72 -7.67
CA GLY A 57 -3.00 -9.39 -6.77
C GLY A 57 -2.02 -8.46 -6.12
N ALA A 58 -1.35 -8.96 -5.11
CA ALA A 58 -0.40 -8.21 -4.32
C ALA A 58 0.78 -7.72 -5.15
N LYS A 59 1.28 -8.57 -6.00
CA LYS A 59 2.44 -8.25 -6.82
C LYS A 59 2.10 -7.16 -7.86
N TYR A 60 0.84 -7.11 -8.26
CA TYR A 60 0.39 -6.10 -9.19
C TYR A 60 0.46 -4.76 -8.52
N ALA A 61 -0.06 -4.72 -7.31
CA ALA A 61 -0.12 -3.50 -6.55
C ALA A 61 1.26 -3.03 -6.20
N ALA A 62 2.17 -3.96 -5.93
CA ALA A 62 3.56 -3.64 -5.64
C ALA A 62 4.16 -2.84 -6.79
N ALA A 63 3.87 -3.28 -8.01
CA ALA A 63 4.34 -2.61 -9.20
C ALA A 63 3.64 -1.26 -9.34
N TRP A 64 2.33 -1.28 -9.18
CA TRP A 64 1.49 -0.08 -9.28
C TRP A 64 1.94 1.00 -8.30
N LEU A 1 2.31 0.52 -6.76
CA LEU A 1 2.68 1.37 -5.64
C LEU A 1 3.98 2.06 -5.93
N THR A 2 4.98 1.28 -6.28
CA THR A 2 6.30 1.78 -6.59
C THR A 2 6.24 2.84 -7.69
N ALA A 3 5.54 2.49 -8.76
CA ALA A 3 5.40 3.33 -9.94
C ALA A 3 4.74 4.68 -9.65
N ASN A 4 3.67 4.65 -8.89
CA ASN A 4 2.86 5.85 -8.67
C ASN A 4 3.34 6.67 -7.51
N LEU A 5 3.85 6.02 -6.50
CA LEU A 5 4.28 6.71 -5.31
C LEU A 5 5.74 7.13 -5.45
N GLY A 6 6.49 6.36 -6.23
CA GLY A 6 7.88 6.69 -6.45
C GLY A 6 8.70 6.16 -5.32
N ILE A 7 8.31 5.02 -4.84
CA ILE A 7 8.95 4.42 -3.69
C ILE A 7 9.77 3.24 -4.11
N SER A 8 10.43 2.64 -3.16
CA SER A 8 11.19 1.46 -3.44
C SER A 8 10.26 0.26 -3.42
N SER A 9 10.61 -0.79 -4.14
CA SER A 9 9.83 -1.99 -4.14
C SER A 9 9.86 -2.67 -2.77
N TYR A 10 10.92 -2.40 -2.00
CA TYR A 10 11.01 -2.90 -0.64
C TYR A 10 9.89 -2.27 0.18
N ALA A 11 9.79 -0.94 0.11
CA ALA A 11 8.77 -0.21 0.83
C ALA A 11 7.40 -0.58 0.33
N ALA A 12 7.29 -0.77 -0.99
CA ALA A 12 6.04 -1.20 -1.59
C ALA A 12 5.61 -2.54 -1.04
N LYS A 13 6.55 -3.47 -0.92
CA LYS A 13 6.29 -4.80 -0.38
C LYS A 13 5.84 -4.69 1.08
N LYS A 14 6.45 -3.75 1.79
CA LYS A 14 6.07 -3.46 3.16
C LYS A 14 4.61 -2.97 3.20
N VAL A 15 4.30 -2.03 2.31
CA VAL A 15 2.92 -1.54 2.12
C VAL A 15 1.99 -2.71 1.82
N ILE A 16 2.44 -3.59 0.91
CA ILE A 16 1.69 -4.79 0.50
C ILE A 16 1.29 -5.60 1.69
N ASP A 17 2.22 -5.84 2.58
CA ASP A 17 1.97 -6.61 3.80
C ASP A 17 0.87 -5.99 4.66
N ILE A 18 0.94 -4.69 4.80
CA ILE A 18 -0.01 -3.96 5.63
C ILE A 18 -1.40 -3.93 4.97
N ILE A 19 -1.45 -3.61 3.70
CA ILE A 19 -2.72 -3.64 2.97
C ILE A 19 -3.26 -5.08 2.80
N ASN A 20 -2.36 -6.07 2.78
CA ASN A 20 -2.73 -7.49 2.59
C ASN A 20 -3.45 -7.98 3.83
N THR A 21 -3.00 -7.54 4.98
CA THR A 21 -3.68 -7.85 6.19
C THR A 21 -5.00 -7.08 6.20
N GLY A 22 -4.86 -5.76 5.99
CA GLY A 22 -5.97 -4.85 5.76
C GLY A 22 -7.15 -4.98 6.70
N SER A 23 -7.01 -4.54 7.91
CA SER A 23 -8.10 -4.59 8.85
C SER A 23 -8.81 -3.23 8.96
N ALA A 24 -8.31 -2.37 9.82
CA ALA A 24 -8.90 -1.07 10.03
C ALA A 24 -8.24 -0.06 9.13
N VAL A 25 -9.03 0.62 8.31
CA VAL A 25 -8.51 1.59 7.33
C VAL A 25 -7.60 2.62 7.99
N ALA A 26 -8.07 3.20 9.08
CA ALA A 26 -7.31 4.21 9.80
C ALA A 26 -6.00 3.63 10.33
N THR A 27 -6.00 2.37 10.69
CA THR A 27 -4.82 1.72 11.20
C THR A 27 -3.85 1.39 10.05
N ILE A 28 -4.40 1.00 8.90
CA ILE A 28 -3.59 0.71 7.74
C ILE A 28 -2.84 1.95 7.34
N ILE A 29 -3.58 3.05 7.19
CA ILE A 29 -2.99 4.33 6.81
C ILE A 29 -1.85 4.71 7.77
N ALA A 30 -2.08 4.48 9.05
CA ALA A 30 -1.12 4.81 10.08
C ALA A 30 0.13 3.95 9.95
N LEU A 31 -0.06 2.67 9.69
CA LEU A 31 1.05 1.74 9.60
C LEU A 31 1.84 1.97 8.32
N VAL A 32 1.15 2.21 7.22
CA VAL A 32 1.82 2.40 5.94
C VAL A 32 2.62 3.71 5.97
N THR A 33 2.01 4.75 6.52
CA THR A 33 2.65 6.06 6.64
C THR A 33 3.89 5.98 7.54
N ALA A 34 3.85 5.08 8.51
CA ALA A 34 4.97 4.88 9.42
C ALA A 34 6.15 4.23 8.69
N VAL A 35 5.84 3.38 7.73
CA VAL A 35 6.86 2.67 6.98
C VAL A 35 7.47 3.58 5.93
N VAL A 36 6.63 4.28 5.21
CA VAL A 36 7.13 5.10 4.11
C VAL A 36 7.56 6.49 4.57
N GLY A 37 7.03 6.93 5.69
CA GLY A 37 7.38 8.23 6.23
C GLY A 37 6.96 9.34 5.33
N GLY A 38 5.78 9.21 4.82
CA GLY A 38 5.22 10.16 3.92
C GLY A 38 3.75 9.95 3.80
N GLY A 39 3.04 10.94 3.34
CA GLY A 39 1.61 10.88 3.29
C GLY A 39 1.16 10.49 1.93
N LEU A 40 1.94 9.65 1.32
CA LEU A 40 1.71 9.15 -0.01
C LEU A 40 0.56 8.15 -0.01
N ILE A 41 0.63 7.15 0.85
CA ILE A 41 -0.43 6.21 0.92
C ILE A 41 -1.52 6.77 1.80
N THR A 42 -2.49 7.34 1.17
CA THR A 42 -3.63 7.88 1.84
C THR A 42 -4.74 6.85 1.82
N ALA A 43 -5.89 7.21 2.38
CA ALA A 43 -7.06 6.33 2.40
C ALA A 43 -7.43 5.88 0.99
N GLY A 44 -7.29 6.81 0.04
CA GLY A 44 -7.58 6.53 -1.33
C GLY A 44 -6.63 5.50 -1.88
N ILE A 45 -5.37 5.61 -1.52
CA ILE A 45 -4.38 4.66 -2.00
C ILE A 45 -4.60 3.31 -1.35
N VAL A 46 -4.94 3.33 -0.07
CA VAL A 46 -5.24 2.10 0.68
C VAL A 46 -6.40 1.35 0.01
N ALA A 47 -7.50 2.06 -0.20
CA ALA A 47 -8.69 1.50 -0.83
C ALA A 47 -8.37 0.96 -2.22
N THR A 48 -7.59 1.72 -2.98
CA THR A 48 -7.20 1.32 -4.30
C THR A 48 -6.32 0.05 -4.26
N ALA A 49 -5.28 0.09 -3.43
CA ALA A 49 -4.34 -0.99 -3.31
C ALA A 49 -5.01 -2.29 -2.84
N LYS A 50 -5.93 -2.18 -1.88
CA LYS A 50 -6.69 -3.34 -1.40
C LYS A 50 -7.52 -3.94 -2.54
N SER A 51 -8.00 -3.08 -3.40
CA SER A 51 -8.80 -3.51 -4.52
C SER A 51 -7.91 -4.15 -5.58
N LEU A 52 -6.75 -3.54 -5.83
CA LEU A 52 -5.81 -4.03 -6.82
C LEU A 52 -5.29 -5.41 -6.43
N ILE A 53 -5.01 -5.62 -5.15
CA ILE A 53 -4.51 -6.93 -4.68
C ILE A 53 -5.62 -7.97 -4.68
N LYS A 54 -6.86 -7.52 -4.60
CA LYS A 54 -8.00 -8.42 -4.64
C LYS A 54 -8.22 -8.96 -6.07
N LYS A 55 -7.95 -8.15 -7.06
CA LYS A 55 -8.18 -8.54 -8.44
C LYS A 55 -6.90 -8.92 -9.18
N TYR A 56 -5.98 -8.01 -9.24
CA TYR A 56 -4.77 -8.17 -10.02
C TYR A 56 -3.72 -8.90 -9.21
N GLY A 57 -3.59 -8.55 -7.95
CA GLY A 57 -2.69 -9.25 -7.09
C GLY A 57 -1.69 -8.36 -6.40
N ALA A 58 -1.01 -8.94 -5.42
CA ALA A 58 -0.02 -8.26 -4.60
C ALA A 58 1.22 -7.88 -5.42
N LYS A 59 1.51 -8.67 -6.43
CA LYS A 59 2.65 -8.42 -7.29
C LYS A 59 2.36 -7.19 -8.17
N TYR A 60 1.10 -7.07 -8.60
CA TYR A 60 0.66 -5.97 -9.42
C TYR A 60 0.76 -4.70 -8.62
N ALA A 61 0.25 -4.77 -7.41
CA ALA A 61 0.21 -3.63 -6.54
C ALA A 61 1.59 -3.18 -6.15
N ALA A 62 2.51 -4.12 -5.94
CA ALA A 62 3.89 -3.78 -5.60
C ALA A 62 4.51 -2.92 -6.70
N ALA A 63 4.20 -3.28 -7.94
CA ALA A 63 4.65 -2.53 -9.09
C ALA A 63 3.94 -1.18 -9.14
N TRP A 64 2.62 -1.24 -9.00
CA TRP A 64 1.75 -0.05 -9.05
C TRP A 64 2.14 0.98 -7.99
N LEU A 1 2.08 0.55 -6.90
CA LEU A 1 2.49 1.41 -5.79
C LEU A 1 3.78 2.10 -6.13
N THR A 2 4.76 1.32 -6.48
CA THR A 2 6.07 1.81 -6.85
C THR A 2 5.97 2.83 -7.97
N ALA A 3 5.24 2.46 -9.00
CA ALA A 3 5.06 3.26 -10.20
C ALA A 3 4.40 4.61 -9.93
N ASN A 4 3.38 4.62 -9.10
CA ASN A 4 2.60 5.83 -8.85
C ASN A 4 3.13 6.66 -7.72
N LEU A 5 3.67 6.02 -6.73
CA LEU A 5 4.19 6.73 -5.57
C LEU A 5 5.63 7.11 -5.76
N GLY A 6 6.34 6.34 -6.58
CA GLY A 6 7.73 6.61 -6.85
C GLY A 6 8.58 6.12 -5.73
N ILE A 7 8.25 4.94 -5.24
CA ILE A 7 8.91 4.40 -4.08
C ILE A 7 9.82 3.23 -4.42
N SER A 8 10.48 2.71 -3.42
CA SER A 8 11.33 1.57 -3.58
C SER A 8 10.50 0.29 -3.58
N SER A 9 11.03 -0.73 -4.21
CA SER A 9 10.37 -2.01 -4.29
C SER A 9 10.23 -2.64 -2.89
N TYR A 10 11.17 -2.30 -2.02
CA TYR A 10 11.16 -2.72 -0.63
C TYR A 10 9.95 -2.09 0.06
N ALA A 11 9.81 -0.78 -0.11
CA ALA A 11 8.71 -0.03 0.50
C ALA A 11 7.38 -0.53 0.01
N ALA A 12 7.29 -0.79 -1.30
CA ALA A 12 6.07 -1.30 -1.90
C ALA A 12 5.67 -2.62 -1.26
N LYS A 13 6.66 -3.49 -1.04
CA LYS A 13 6.43 -4.79 -0.46
C LYS A 13 5.92 -4.64 0.98
N LYS A 14 6.50 -3.66 1.67
CA LYS A 14 6.07 -3.31 3.02
C LYS A 14 4.62 -2.86 3.00
N VAL A 15 4.31 -1.93 2.11
CA VAL A 15 2.94 -1.43 1.94
C VAL A 15 1.99 -2.59 1.70
N ILE A 16 2.38 -3.50 0.80
CA ILE A 16 1.59 -4.69 0.47
C ILE A 16 1.32 -5.50 1.72
N ASP A 17 2.35 -5.72 2.50
CA ASP A 17 2.24 -6.48 3.73
C ASP A 17 1.24 -5.84 4.66
N ILE A 18 1.35 -4.56 4.82
CA ILE A 18 0.51 -3.82 5.73
C ILE A 18 -0.94 -3.75 5.25
N ILE A 19 -1.15 -3.35 3.99
CA ILE A 19 -2.52 -3.23 3.44
C ILE A 19 -3.24 -4.59 3.42
N ASN A 20 -2.45 -5.65 3.37
CA ASN A 20 -2.98 -7.00 3.33
C ASN A 20 -3.29 -7.49 4.75
N THR A 21 -2.43 -7.12 5.71
CA THR A 21 -2.60 -7.53 7.10
C THR A 21 -3.68 -6.71 7.82
N GLY A 22 -3.65 -5.42 7.57
CA GLY A 22 -4.57 -4.52 8.19
C GLY A 22 -5.97 -4.66 7.65
N SER A 23 -6.92 -4.48 8.52
CA SER A 23 -8.30 -4.59 8.21
C SER A 23 -8.87 -3.21 7.92
N ALA A 24 -8.98 -2.43 8.96
CA ALA A 24 -9.51 -1.08 8.89
C ALA A 24 -8.54 -0.17 8.16
N VAL A 25 -9.08 0.60 7.23
CA VAL A 25 -8.29 1.50 6.40
C VAL A 25 -7.49 2.49 7.24
N ALA A 26 -8.15 3.10 8.22
CA ALA A 26 -7.51 4.06 9.12
C ALA A 26 -6.33 3.43 9.83
N THR A 27 -6.46 2.16 10.18
CA THR A 27 -5.43 1.43 10.87
C THR A 27 -4.25 1.20 9.92
N ILE A 28 -4.56 0.86 8.68
CA ILE A 28 -3.58 0.60 7.67
C ILE A 28 -2.78 1.85 7.38
N ILE A 29 -3.47 2.97 7.18
CA ILE A 29 -2.81 4.25 6.88
C ILE A 29 -1.78 4.57 7.96
N ALA A 30 -2.15 4.32 9.21
CA ALA A 30 -1.28 4.61 10.34
C ALA A 30 -0.03 3.72 10.31
N LEU A 31 -0.22 2.49 9.92
CA LEU A 31 0.87 1.54 9.86
C LEU A 31 1.79 1.82 8.67
N VAL A 32 1.18 2.04 7.51
CA VAL A 32 1.94 2.29 6.29
C VAL A 32 2.73 3.59 6.45
N THR A 33 2.09 4.60 7.01
CA THR A 33 2.72 5.88 7.25
C THR A 33 3.87 5.76 8.27
N ALA A 34 3.76 4.82 9.20
CA ALA A 34 4.81 4.60 10.19
C ALA A 34 6.03 3.99 9.52
N VAL A 35 5.82 3.30 8.43
CA VAL A 35 6.91 2.68 7.70
C VAL A 35 7.44 3.60 6.59
N VAL A 36 6.57 4.14 5.76
CA VAL A 36 7.00 4.94 4.59
C VAL A 36 7.21 6.42 4.92
N GLY A 37 6.85 6.83 6.10
CA GLY A 37 7.02 8.21 6.49
C GLY A 37 5.73 8.96 6.46
N GLY A 38 5.09 8.92 5.34
CA GLY A 38 3.81 9.55 5.17
C GLY A 38 3.70 10.24 3.84
N GLY A 39 2.52 10.76 3.57
CA GLY A 39 2.28 11.57 2.38
C GLY A 39 2.13 10.74 1.13
N LEU A 40 2.38 9.48 1.25
CA LEU A 40 2.30 8.58 0.15
C LEU A 40 1.01 7.76 0.18
N ILE A 41 0.99 6.73 0.98
CA ILE A 41 -0.14 5.86 1.01
C ILE A 41 -1.20 6.43 1.92
N THR A 42 -2.11 7.10 1.32
CA THR A 42 -3.21 7.69 1.98
C THR A 42 -4.44 6.79 1.88
N ALA A 43 -5.58 7.24 2.38
CA ALA A 43 -6.84 6.49 2.34
C ALA A 43 -7.20 6.10 0.91
N GLY A 44 -6.92 6.97 -0.02
CA GLY A 44 -7.19 6.71 -1.40
C GLY A 44 -6.30 5.62 -1.94
N ILE A 45 -5.04 5.64 -1.53
CA ILE A 45 -4.08 4.67 -2.02
C ILE A 45 -4.35 3.30 -1.40
N VAL A 46 -4.65 3.27 -0.10
CA VAL A 46 -4.97 2.02 0.61
C VAL A 46 -6.15 1.31 -0.06
N ALA A 47 -7.21 2.05 -0.28
CA ALA A 47 -8.43 1.50 -0.88
C ALA A 47 -8.18 1.03 -2.31
N THR A 48 -7.43 1.81 -3.07
CA THR A 48 -7.12 1.44 -4.43
C THR A 48 -6.28 0.16 -4.46
N ALA A 49 -5.25 0.13 -3.63
CA ALA A 49 -4.36 -1.01 -3.53
C ALA A 49 -5.12 -2.27 -3.12
N LYS A 50 -6.07 -2.15 -2.18
CA LYS A 50 -6.91 -3.28 -1.79
C LYS A 50 -7.71 -3.84 -2.95
N SER A 51 -8.15 -2.96 -3.82
CA SER A 51 -8.90 -3.38 -4.97
C SER A 51 -7.97 -4.11 -5.92
N LEU A 52 -6.80 -3.54 -6.14
CA LEU A 52 -5.83 -4.08 -7.06
C LEU A 52 -5.36 -5.45 -6.61
N ILE A 53 -5.14 -5.63 -5.31
CA ILE A 53 -4.69 -6.91 -4.81
C ILE A 53 -5.78 -7.95 -4.87
N LYS A 54 -7.03 -7.52 -4.77
CA LYS A 54 -8.13 -8.45 -4.78
C LYS A 54 -8.30 -9.06 -6.17
N LYS A 55 -8.16 -8.25 -7.19
CA LYS A 55 -8.35 -8.69 -8.56
C LYS A 55 -7.05 -9.09 -9.24
N TYR A 56 -6.13 -8.17 -9.30
CA TYR A 56 -4.90 -8.36 -10.03
C TYR A 56 -3.86 -9.07 -9.16
N GLY A 57 -3.76 -8.65 -7.92
CA GLY A 57 -2.86 -9.30 -7.00
C GLY A 57 -1.89 -8.34 -6.35
N ALA A 58 -1.19 -8.84 -5.35
CA ALA A 58 -0.23 -8.08 -4.57
C ALA A 58 0.98 -7.71 -5.40
N LYS A 59 1.37 -8.60 -6.29
CA LYS A 59 2.52 -8.40 -7.18
C LYS A 59 2.24 -7.19 -8.08
N TYR A 60 0.99 -7.11 -8.53
CA TYR A 60 0.54 -6.05 -9.39
C TYR A 60 0.59 -4.76 -8.62
N ALA A 61 -0.03 -4.77 -7.46
CA ALA A 61 -0.13 -3.60 -6.64
C ALA A 61 1.22 -3.09 -6.22
N ALA A 62 2.14 -3.99 -5.93
CA ALA A 62 3.49 -3.58 -5.55
C ALA A 62 4.14 -2.79 -6.68
N ALA A 63 3.91 -3.23 -7.90
CA ALA A 63 4.41 -2.53 -9.07
C ALA A 63 3.69 -1.20 -9.23
N TRP A 64 2.36 -1.25 -9.09
CA TRP A 64 1.50 -0.06 -9.18
C TRP A 64 1.92 0.99 -8.14
N LEU A 1 2.38 0.53 -6.90
CA LEU A 1 2.76 1.38 -5.79
C LEU A 1 4.08 2.05 -6.08
N THR A 2 5.04 1.27 -6.48
CA THR A 2 6.37 1.75 -6.79
C THR A 2 6.31 2.83 -7.86
N ALA A 3 5.57 2.55 -8.92
CA ALA A 3 5.45 3.43 -10.08
C ALA A 3 4.76 4.76 -9.73
N ASN A 4 3.68 4.67 -9.01
CA ASN A 4 2.85 5.84 -8.72
C ASN A 4 3.36 6.64 -7.56
N LEU A 5 3.91 5.97 -6.58
CA LEU A 5 4.38 6.67 -5.41
C LEU A 5 5.82 7.08 -5.59
N GLY A 6 6.56 6.32 -6.40
CA GLY A 6 7.93 6.65 -6.65
C GLY A 6 8.77 6.19 -5.49
N ILE A 7 8.49 5.01 -5.06
CA ILE A 7 9.16 4.43 -3.91
C ILE A 7 9.91 3.20 -4.33
N SER A 8 10.59 2.60 -3.40
CA SER A 8 11.28 1.39 -3.67
C SER A 8 10.26 0.25 -3.67
N SER A 9 10.57 -0.82 -4.34
CA SER A 9 9.70 -1.95 -4.38
C SER A 9 9.67 -2.68 -3.03
N TYR A 10 10.68 -2.41 -2.19
CA TYR A 10 10.73 -2.95 -0.85
C TYR A 10 9.67 -2.24 -0.03
N ALA A 11 9.63 -0.91 -0.12
CA ALA A 11 8.62 -0.12 0.57
C ALA A 11 7.25 -0.48 0.08
N ALA A 12 7.14 -0.74 -1.21
CA ALA A 12 5.90 -1.16 -1.81
C ALA A 12 5.47 -2.51 -1.24
N LYS A 13 6.44 -3.41 -1.06
CA LYS A 13 6.19 -4.74 -0.49
C LYS A 13 5.71 -4.58 0.95
N LYS A 14 6.33 -3.65 1.67
CA LYS A 14 5.92 -3.31 3.01
C LYS A 14 4.47 -2.86 3.01
N VAL A 15 4.14 -1.93 2.10
CA VAL A 15 2.76 -1.45 1.94
C VAL A 15 1.81 -2.63 1.70
N ILE A 16 2.20 -3.51 0.78
CA ILE A 16 1.41 -4.69 0.42
C ILE A 16 1.09 -5.53 1.64
N ASP A 17 2.12 -5.85 2.41
CA ASP A 17 1.96 -6.69 3.58
C ASP A 17 1.02 -6.02 4.58
N ILE A 18 1.17 -4.73 4.72
CA ILE A 18 0.35 -3.97 5.65
C ILE A 18 -1.11 -3.89 5.21
N ILE A 19 -1.36 -3.45 3.98
CA ILE A 19 -2.73 -3.36 3.46
C ILE A 19 -3.42 -4.75 3.45
N ASN A 20 -2.61 -5.78 3.33
CA ASN A 20 -3.09 -7.16 3.28
C ASN A 20 -3.41 -7.66 4.70
N THR A 21 -2.73 -7.13 5.69
CA THR A 21 -2.88 -7.59 7.07
C THR A 21 -3.86 -6.76 7.88
N GLY A 22 -3.77 -5.45 7.71
CA GLY A 22 -4.56 -4.52 8.46
C GLY A 22 -6.05 -4.65 8.23
N SER A 23 -6.79 -4.30 9.25
CA SER A 23 -8.21 -4.39 9.24
C SER A 23 -8.85 -3.03 8.99
N ALA A 24 -8.83 -2.18 9.99
CA ALA A 24 -9.40 -0.83 9.88
C ALA A 24 -8.57 0.04 8.96
N VAL A 25 -9.25 0.84 8.14
CA VAL A 25 -8.62 1.71 7.14
C VAL A 25 -7.58 2.62 7.78
N ALA A 26 -8.01 3.33 8.81
CA ALA A 26 -7.17 4.27 9.52
C ALA A 26 -5.96 3.58 10.16
N THR A 27 -6.11 2.32 10.51
CA THR A 27 -5.03 1.58 11.13
C THR A 27 -4.00 1.24 10.07
N ILE A 28 -4.48 0.88 8.89
CA ILE A 28 -3.63 0.55 7.78
C ILE A 28 -2.83 1.77 7.40
N ILE A 29 -3.52 2.90 7.22
CA ILE A 29 -2.87 4.17 6.89
C ILE A 29 -1.76 4.50 7.89
N ALA A 30 -2.04 4.25 9.16
CA ALA A 30 -1.08 4.55 10.23
C ALA A 30 0.15 3.67 10.11
N LEU A 31 -0.07 2.40 9.81
CA LEU A 31 1.03 1.44 9.70
C LEU A 31 1.86 1.72 8.45
N VAL A 32 1.19 1.98 7.34
CA VAL A 32 1.90 2.24 6.10
C VAL A 32 2.70 3.54 6.25
N THR A 33 2.09 4.53 6.88
CA THR A 33 2.72 5.80 7.16
C THR A 33 3.93 5.63 8.10
N ALA A 34 3.86 4.64 8.97
CA ALA A 34 4.94 4.36 9.90
C ALA A 34 6.15 3.81 9.15
N VAL A 35 5.89 3.20 8.02
CA VAL A 35 6.96 2.69 7.19
C VAL A 35 7.43 3.71 6.15
N VAL A 36 6.50 4.27 5.40
CA VAL A 36 6.87 5.15 4.27
C VAL A 36 7.00 6.63 4.65
N GLY A 37 6.71 6.95 5.87
CA GLY A 37 6.83 8.33 6.32
C GLY A 37 5.50 9.02 6.33
N GLY A 38 4.78 8.83 5.26
CA GLY A 38 3.47 9.42 5.10
C GLY A 38 3.39 10.24 3.85
N GLY A 39 2.21 10.73 3.54
CA GLY A 39 2.00 11.62 2.41
C GLY A 39 1.78 10.88 1.12
N LEU A 40 2.20 9.65 1.12
CA LEU A 40 2.11 8.80 -0.03
C LEU A 40 0.84 7.94 0.01
N ILE A 41 0.82 6.94 0.85
CA ILE A 41 -0.31 6.08 0.90
C ILE A 41 -1.38 6.70 1.78
N THR A 42 -2.34 7.27 1.12
CA THR A 42 -3.48 7.85 1.77
C THR A 42 -4.61 6.83 1.75
N ALA A 43 -5.77 7.20 2.27
CA ALA A 43 -6.94 6.33 2.30
C ALA A 43 -7.35 5.94 0.90
N GLY A 44 -7.13 6.85 -0.03
CA GLY A 44 -7.43 6.59 -1.42
C GLY A 44 -6.50 5.55 -1.97
N ILE A 45 -5.24 5.62 -1.58
CA ILE A 45 -4.26 4.66 -2.06
C ILE A 45 -4.54 3.30 -1.42
N VAL A 46 -4.88 3.30 -0.13
CA VAL A 46 -5.23 2.06 0.60
C VAL A 46 -6.38 1.33 -0.10
N ALA A 47 -7.45 2.06 -0.39
CA ALA A 47 -8.62 1.49 -1.04
C ALA A 47 -8.28 0.98 -2.44
N THR A 48 -7.54 1.79 -3.17
CA THR A 48 -7.11 1.43 -4.51
C THR A 48 -6.22 0.17 -4.50
N ALA A 49 -5.21 0.17 -3.64
CA ALA A 49 -4.26 -0.92 -3.54
C ALA A 49 -4.95 -2.23 -3.19
N LYS A 50 -5.87 -2.18 -2.22
CA LYS A 50 -6.59 -3.38 -1.82
C LYS A 50 -7.49 -3.90 -2.95
N SER A 51 -7.96 -3.00 -3.78
CA SER A 51 -8.79 -3.40 -4.89
C SER A 51 -7.93 -4.06 -5.97
N LEU A 52 -6.74 -3.50 -6.18
CA LEU A 52 -5.80 -4.03 -7.17
C LEU A 52 -5.30 -5.40 -6.77
N ILE A 53 -5.00 -5.59 -5.48
CA ILE A 53 -4.52 -6.89 -5.01
C ILE A 53 -5.64 -7.92 -5.05
N LYS A 54 -6.88 -7.46 -4.94
CA LYS A 54 -8.01 -8.37 -4.94
C LYS A 54 -8.23 -8.95 -6.34
N LYS A 55 -7.95 -8.16 -7.37
CA LYS A 55 -8.12 -8.64 -8.74
C LYS A 55 -6.81 -9.04 -9.41
N TYR A 56 -5.91 -8.11 -9.50
CA TYR A 56 -4.68 -8.31 -10.25
C TYR A 56 -3.64 -9.01 -9.40
N GLY A 57 -3.60 -8.67 -8.14
CA GLY A 57 -2.72 -9.37 -7.24
C GLY A 57 -1.78 -8.46 -6.50
N ALA A 58 -1.14 -9.03 -5.50
CA ALA A 58 -0.21 -8.33 -4.63
C ALA A 58 1.04 -7.88 -5.38
N LYS A 59 1.43 -8.64 -6.39
CA LYS A 59 2.62 -8.31 -7.15
C LYS A 59 2.33 -7.15 -8.12
N TYR A 60 1.09 -7.08 -8.58
CA TYR A 60 0.68 -6.00 -9.46
C TYR A 60 0.75 -4.71 -8.70
N ALA A 61 0.20 -4.74 -7.51
CA ALA A 61 0.14 -3.57 -6.69
C ALA A 61 1.51 -3.13 -6.24
N ALA A 62 2.40 -4.08 -5.99
CA ALA A 62 3.78 -3.75 -5.60
C ALA A 62 4.45 -2.91 -6.69
N ALA A 63 4.21 -3.28 -7.93
CA ALA A 63 4.74 -2.56 -9.06
C ALA A 63 4.02 -1.22 -9.22
N TRP A 64 2.69 -1.25 -9.09
CA TRP A 64 1.84 -0.07 -9.18
C TRP A 64 2.23 0.97 -8.14
N LEU A 1 2.13 0.50 -6.94
CA LEU A 1 2.56 1.39 -5.86
C LEU A 1 3.86 2.03 -6.20
N THR A 2 4.80 1.22 -6.58
CA THR A 2 6.12 1.66 -6.94
C THR A 2 6.08 2.67 -8.08
N ALA A 3 5.33 2.34 -9.11
CA ALA A 3 5.19 3.17 -10.31
C ALA A 3 4.56 4.54 -10.01
N ASN A 4 3.48 4.55 -9.27
CA ASN A 4 2.73 5.78 -9.01
C ASN A 4 3.35 6.62 -7.93
N LEU A 5 3.77 5.98 -6.85
CA LEU A 5 4.32 6.69 -5.72
C LEU A 5 5.78 7.00 -5.96
N GLY A 6 6.44 6.18 -6.77
CA GLY A 6 7.83 6.39 -7.06
C GLY A 6 8.65 5.98 -5.89
N ILE A 7 8.31 4.84 -5.35
CA ILE A 7 8.95 4.36 -4.14
C ILE A 7 9.82 3.17 -4.41
N SER A 8 10.53 2.74 -3.40
CA SER A 8 11.40 1.62 -3.52
C SER A 8 10.61 0.33 -3.51
N SER A 9 11.18 -0.72 -4.06
CA SER A 9 10.54 -2.01 -4.09
C SER A 9 10.51 -2.57 -2.67
N TYR A 10 11.46 -2.10 -1.84
CA TYR A 10 11.50 -2.44 -0.44
C TYR A 10 10.25 -1.87 0.24
N ALA A 11 10.06 -0.56 0.11
CA ALA A 11 8.92 0.11 0.73
C ALA A 11 7.61 -0.41 0.19
N ALA A 12 7.55 -0.64 -1.12
CA ALA A 12 6.35 -1.16 -1.75
C ALA A 12 5.99 -2.52 -1.18
N LYS A 13 7.00 -3.35 -0.93
CA LYS A 13 6.79 -4.67 -0.37
C LYS A 13 6.20 -4.56 1.02
N LYS A 14 6.71 -3.60 1.77
CA LYS A 14 6.24 -3.32 3.11
C LYS A 14 4.78 -2.88 3.05
N VAL A 15 4.48 -1.94 2.15
CA VAL A 15 3.12 -1.45 1.94
C VAL A 15 2.18 -2.62 1.63
N ILE A 16 2.63 -3.51 0.74
CA ILE A 16 1.84 -4.69 0.33
C ILE A 16 1.51 -5.53 1.54
N ASP A 17 2.49 -5.74 2.37
CA ASP A 17 2.32 -6.52 3.57
C ASP A 17 1.29 -5.89 4.46
N ILE A 18 1.42 -4.60 4.68
CA ILE A 18 0.55 -3.88 5.58
C ILE A 18 -0.90 -3.81 5.05
N ILE A 19 -1.06 -3.40 3.80
CA ILE A 19 -2.41 -3.30 3.19
C ILE A 19 -3.11 -4.67 3.14
N ASN A 20 -2.32 -5.73 3.07
CA ASN A 20 -2.86 -7.07 3.03
C ASN A 20 -3.17 -7.57 4.46
N THR A 21 -2.31 -7.24 5.41
CA THR A 21 -2.49 -7.69 6.77
C THR A 21 -3.58 -6.90 7.50
N GLY A 22 -3.54 -5.59 7.37
CA GLY A 22 -4.48 -4.73 8.06
C GLY A 22 -5.87 -4.85 7.51
N SER A 23 -6.83 -4.50 8.33
CA SER A 23 -8.20 -4.58 7.94
C SER A 23 -8.76 -3.20 7.66
N ALA A 24 -9.02 -2.47 8.73
CA ALA A 24 -9.59 -1.14 8.66
C ALA A 24 -8.65 -0.20 7.96
N VAL A 25 -9.19 0.60 7.07
CA VAL A 25 -8.40 1.52 6.25
C VAL A 25 -7.59 2.47 7.11
N ALA A 26 -8.23 3.03 8.11
CA ALA A 26 -7.60 3.97 9.04
C ALA A 26 -6.43 3.31 9.75
N THR A 27 -6.58 2.03 10.06
CA THR A 27 -5.55 1.29 10.74
C THR A 27 -4.37 1.06 9.80
N ILE A 28 -4.68 0.73 8.56
CA ILE A 28 -3.67 0.48 7.55
C ILE A 28 -2.88 1.74 7.28
N ILE A 29 -3.58 2.87 7.10
CA ILE A 29 -2.94 4.17 6.83
C ILE A 29 -1.90 4.47 7.90
N ALA A 30 -2.26 4.25 9.15
CA ALA A 30 -1.37 4.55 10.27
C ALA A 30 -0.14 3.66 10.25
N LEU A 31 -0.31 2.44 9.84
CA LEU A 31 0.78 1.49 9.81
C LEU A 31 1.69 1.75 8.61
N VAL A 32 1.09 2.01 7.45
CA VAL A 32 1.86 2.26 6.25
C VAL A 32 2.63 3.56 6.42
N THR A 33 1.98 4.55 6.99
CA THR A 33 2.59 5.84 7.27
C THR A 33 3.75 5.70 8.27
N ALA A 34 3.62 4.75 9.20
CA ALA A 34 4.66 4.51 10.19
C ALA A 34 5.92 3.96 9.51
N VAL A 35 5.73 3.28 8.41
CA VAL A 35 6.83 2.70 7.68
C VAL A 35 7.35 3.64 6.57
N VAL A 36 6.46 4.15 5.74
CA VAL A 36 6.90 4.94 4.57
C VAL A 36 7.06 6.43 4.87
N GLY A 37 6.69 6.83 6.05
CA GLY A 37 6.84 8.21 6.42
C GLY A 37 5.54 8.95 6.41
N GLY A 38 4.78 8.72 5.38
CA GLY A 38 3.49 9.35 5.24
C GLY A 38 3.39 10.18 4.01
N GLY A 39 2.19 10.64 3.71
CA GLY A 39 1.95 11.54 2.59
C GLY A 39 1.79 10.81 1.28
N LEU A 40 2.27 9.59 1.27
CA LEU A 40 2.26 8.75 0.11
C LEU A 40 1.02 7.89 0.09
N ILE A 41 1.00 6.88 0.92
CA ILE A 41 -0.13 6.01 0.96
C ILE A 41 -1.18 6.59 1.88
N THR A 42 -2.10 7.25 1.27
CA THR A 42 -3.20 7.86 1.92
C THR A 42 -4.41 6.91 1.85
N ALA A 43 -5.57 7.36 2.33
CA ALA A 43 -6.78 6.54 2.31
C ALA A 43 -7.13 6.15 0.89
N GLY A 44 -6.95 7.10 -0.02
CA GLY A 44 -7.19 6.86 -1.42
C GLY A 44 -6.29 5.79 -1.97
N ILE A 45 -5.04 5.78 -1.52
CA ILE A 45 -4.11 4.81 -2.00
C ILE A 45 -4.41 3.45 -1.37
N VAL A 46 -4.70 3.43 -0.07
CA VAL A 46 -5.03 2.19 0.65
C VAL A 46 -6.25 1.52 0.02
N ALA A 47 -7.30 2.30 -0.20
CA ALA A 47 -8.53 1.81 -0.79
C ALA A 47 -8.27 1.19 -2.15
N THR A 48 -7.55 1.92 -2.98
CA THR A 48 -7.21 1.46 -4.29
C THR A 48 -6.33 0.20 -4.21
N ALA A 49 -5.29 0.26 -3.41
CA ALA A 49 -4.33 -0.81 -3.27
C ALA A 49 -4.97 -2.12 -2.80
N LYS A 50 -5.84 -2.06 -1.78
CA LYS A 50 -6.49 -3.28 -1.33
C LYS A 50 -7.43 -3.83 -2.41
N SER A 51 -7.99 -2.95 -3.21
CA SER A 51 -8.88 -3.39 -4.25
C SER A 51 -8.06 -4.03 -5.39
N LEU A 52 -6.90 -3.44 -5.69
CA LEU A 52 -6.02 -3.96 -6.73
C LEU A 52 -5.49 -5.34 -6.35
N ILE A 53 -5.13 -5.53 -5.08
CA ILE A 53 -4.61 -6.84 -4.65
C ILE A 53 -5.72 -7.88 -4.64
N LYS A 54 -6.95 -7.42 -4.49
CA LYS A 54 -8.08 -8.31 -4.49
C LYS A 54 -8.32 -8.85 -5.91
N LYS A 55 -8.28 -7.98 -6.91
CA LYS A 55 -8.54 -8.38 -8.29
C LYS A 55 -7.28 -8.82 -9.03
N TYR A 56 -6.33 -7.95 -9.11
CA TYR A 56 -5.16 -8.19 -9.92
C TYR A 56 -4.11 -8.96 -9.17
N GLY A 57 -3.97 -8.66 -7.91
CA GLY A 57 -3.06 -9.40 -7.09
C GLY A 57 -2.08 -8.52 -6.35
N ALA A 58 -1.42 -9.10 -5.36
CA ALA A 58 -0.46 -8.40 -4.53
C ALA A 58 0.77 -8.01 -5.32
N LYS A 59 1.04 -8.74 -6.39
CA LYS A 59 2.17 -8.45 -7.24
C LYS A 59 1.89 -7.23 -8.09
N TYR A 60 0.63 -7.09 -8.50
CA TYR A 60 0.21 -5.98 -9.33
C TYR A 60 0.39 -4.70 -8.57
N ALA A 61 -0.10 -4.72 -7.35
CA ALA A 61 -0.05 -3.56 -6.51
C ALA A 61 1.37 -3.17 -6.18
N ALA A 62 2.25 -4.17 -6.04
CA ALA A 62 3.66 -3.90 -5.76
C ALA A 62 4.25 -3.03 -6.87
N ALA A 63 3.93 -3.40 -8.10
CA ALA A 63 4.37 -2.66 -9.26
C ALA A 63 3.67 -1.29 -9.34
N TRP A 64 2.35 -1.32 -9.16
CA TRP A 64 1.50 -0.13 -9.21
C TRP A 64 1.96 0.93 -8.19
#